data_6DFU
#
_entry.id   6DFU
#
_cell.length_a   70.294
_cell.length_b   48.677
_cell.length_c   99.322
_cell.angle_alpha   90.000
_cell.angle_beta   101.130
_cell.angle_gamma   90.000
#
_symmetry.space_group_name_H-M   'P 1 21 1'
#
loop_
_entity.id
_entity.type
_entity.pdbx_description
1 polymer 'Tryptophan--tRNA ligase'
2 non-polymer TRYPTOPHAN
3 water water
#
_entity_poly.entity_id   1
_entity_poly.type   'polypeptide(L)'
_entity_poly.pdbx_seq_one_letter_code
;SNAMAKPIVFSGVQPSGELTIGNYLGALRNWVKMQEDYECIFCVVDLHAITVRQDPVALRKATLDVLALYLACGIDPNKS
TIFVQSHVPEHTQLSWVLNCYTYFGEMSRMTQFKDKSARYAENINVGLFDYPVLMAADILLYQAKSVPVGDDQKQHLEIT
RDIANRFNALYGNIFTIPEIFIGKAGARIMSLQDPEKKMSKSDDNRNNVVTLLEDPKSVAKKIKRAVTDSDEPPVVRYDV
QNKAGVSNLLDILSAVTDKPIADLEKEFEGKMYGHLKTAVADEVSTLLASLQERFHQYRNDETLLDNILRQGAEKARAKA
QETLAKVYEAVGFVAAK
;
_entity_poly.pdbx_strand_id   A,B
#
# COMPACT_ATOMS: atom_id res chain seq x y z
N LYS A 6 -4.24 -21.76 21.42
CA LYS A 6 -3.63 -22.40 20.20
C LYS A 6 -2.69 -21.45 19.47
N PRO A 7 -1.44 -21.88 19.19
CA PRO A 7 -0.54 -20.98 18.46
C PRO A 7 -0.93 -20.73 17.00
N ILE A 8 -0.71 -19.49 16.56
CA ILE A 8 -1.18 -19.02 15.29
C ILE A 8 -0.06 -19.27 14.29
N VAL A 9 -0.41 -20.01 13.25
CA VAL A 9 0.50 -20.26 12.12
C VAL A 9 -0.10 -19.60 10.88
N PHE A 10 0.68 -18.76 10.21
CA PHE A 10 0.28 -18.08 8.98
C PHE A 10 1.08 -18.56 7.77
N SER A 11 0.35 -18.91 6.71
CA SER A 11 0.95 -19.32 5.46
C SER A 11 0.36 -18.58 4.24
N GLY A 12 1.23 -17.97 3.46
CA GLY A 12 0.85 -17.35 2.20
C GLY A 12 0.86 -18.39 1.09
N VAL A 13 -0.17 -18.39 0.24
CA VAL A 13 -0.36 -19.41 -0.78
C VAL A 13 -0.47 -18.73 -2.13
N GLN A 14 0.46 -18.97 -3.04
CA GLN A 14 0.40 -18.29 -4.35
CA GLN A 14 0.44 -18.35 -4.38
C GLN A 14 -0.71 -18.93 -5.20
N PRO A 15 -1.40 -18.10 -6.00
CA PRO A 15 -2.46 -18.71 -6.83
C PRO A 15 -1.88 -19.51 -8.00
N SER A 16 -2.38 -20.73 -8.20
CA SER A 16 -1.88 -21.64 -9.23
C SER A 16 -2.78 -22.91 -9.45
N GLY A 17 -3.00 -23.66 -8.38
CA GLY A 17 -3.41 -25.08 -8.50
C GLY A 17 -2.53 -25.98 -9.38
N GLU A 18 -1.27 -25.60 -9.59
CA GLU A 18 -0.25 -26.50 -10.12
C GLU A 18 0.63 -26.97 -8.94
N LEU A 19 -0.08 -27.37 -7.87
CA LEU A 19 0.53 -28.03 -6.75
C LEU A 19 0.91 -29.44 -7.25
N THR A 20 2.05 -29.91 -6.77
CA THR A 20 2.54 -31.23 -7.10
C THR A 20 2.20 -32.26 -6.03
N ILE A 21 2.43 -33.53 -6.34
CA ILE A 21 2.45 -34.57 -5.29
C ILE A 21 3.48 -34.28 -4.20
N GLY A 22 4.53 -33.55 -4.52
CA GLY A 22 5.48 -33.08 -3.48
C GLY A 22 4.87 -32.05 -2.53
N ASN A 23 4.11 -31.10 -3.05
CA ASN A 23 3.40 -30.16 -2.16
C ASN A 23 2.44 -30.90 -1.21
N TYR A 24 1.73 -31.89 -1.75
CA TYR A 24 0.73 -32.64 -0.98
C TYR A 24 1.34 -33.61 0.04
N LEU A 25 2.20 -34.49 -0.43
CA LEU A 25 2.79 -35.53 0.45
C LEU A 25 3.73 -34.94 1.49
N GLY A 26 4.46 -33.89 1.12
N GLY A 26 4.38 -33.82 1.16
CA GLY A 26 5.35 -33.21 2.06
CA GLY A 26 5.41 -33.23 2.01
C GLY A 26 4.51 -32.40 3.02
C GLY A 26 5.02 -32.12 2.96
N ALA A 27 4.09 -31.24 2.55
CA ALA A 27 3.54 -30.21 3.43
C ALA A 27 2.00 -30.24 3.66
N LEU A 28 1.19 -30.27 2.60
CA LEU A 28 -0.29 -30.14 2.78
C LEU A 28 -0.94 -31.19 3.68
N ARG A 29 -0.48 -32.43 3.58
CA ARG A 29 -1.00 -33.51 4.41
C ARG A 29 -0.74 -33.17 5.85
N ASN A 30 0.44 -32.61 6.12
CA ASN A 30 0.83 -32.16 7.48
C ASN A 30 -0.10 -31.06 7.96
N TRP A 31 -0.34 -30.07 7.08
CA TRP A 31 -1.17 -28.91 7.42
CA TRP A 31 -1.19 -28.90 7.39
C TRP A 31 -2.56 -29.36 7.85
N VAL A 32 -3.10 -30.36 7.18
CA VAL A 32 -4.44 -30.87 7.47
C VAL A 32 -4.53 -31.32 8.93
N LYS A 33 -3.50 -31.98 9.41
CA LYS A 33 -3.43 -32.47 10.80
C LYS A 33 -3.11 -31.40 11.85
N MET A 34 -2.39 -30.35 11.45
CA MET A 34 -2.09 -29.21 12.32
C MET A 34 -3.34 -28.42 12.72
N GLN A 35 -4.45 -28.64 12.02
CA GLN A 35 -5.65 -27.83 12.20
C GLN A 35 -6.19 -27.99 13.61
N GLU A 36 -6.02 -29.19 14.16
CA GLU A 36 -6.55 -29.55 15.49
C GLU A 36 -5.79 -28.82 16.65
N ASP A 37 -4.48 -28.64 16.49
CA ASP A 37 -3.57 -28.14 17.53
C ASP A 37 -3.04 -26.71 17.34
N TYR A 38 -3.19 -26.16 16.12
CA TYR A 38 -2.80 -24.80 15.83
C TYR A 38 -4.02 -24.02 15.28
N GLU A 39 -3.92 -22.70 15.33
CA GLU A 39 -4.85 -21.83 14.62
CA GLU A 39 -4.85 -21.83 14.61
C GLU A 39 -4.14 -21.47 13.32
N CYS A 40 -4.50 -22.18 12.25
CA CYS A 40 -3.88 -22.02 10.94
C CYS A 40 -4.59 -20.94 10.12
N ILE A 41 -3.80 -20.16 9.38
CA ILE A 41 -4.32 -19.09 8.54
C ILE A 41 -3.70 -19.28 7.17
N PHE A 42 -4.57 -19.43 6.18
CA PHE A 42 -4.15 -19.64 4.80
C PHE A 42 -4.62 -18.45 3.95
N CYS A 43 -3.66 -17.70 3.44
CA CYS A 43 -3.89 -16.47 2.70
C CYS A 43 -3.49 -16.67 1.25
N VAL A 44 -4.44 -16.64 0.33
CA VAL A 44 -4.10 -16.72 -1.08
C VAL A 44 -3.62 -15.36 -1.62
N VAL A 45 -2.35 -15.31 -2.05
CA VAL A 45 -1.67 -14.01 -2.16
C VAL A 45 -1.71 -13.46 -3.57
N ASP A 46 -2.93 -13.07 -3.97
CA ASP A 46 -3.16 -12.47 -5.29
C ASP A 46 -2.46 -11.10 -5.51
N LEU A 47 -2.23 -10.34 -4.43
CA LEU A 47 -1.54 -9.03 -4.51
C LEU A 47 -0.08 -9.26 -4.86
N HIS A 48 0.54 -10.26 -4.23
CA HIS A 48 1.90 -10.61 -4.58
C HIS A 48 1.97 -11.18 -5.99
N ALA A 49 0.94 -11.90 -6.43
CA ALA A 49 0.98 -12.51 -7.77
C ALA A 49 1.18 -11.51 -8.90
N ILE A 50 0.61 -10.31 -8.76
CA ILE A 50 0.66 -9.32 -9.83
C ILE A 50 1.98 -8.55 -9.85
N THR A 51 2.96 -8.92 -9.00
CA THR A 51 4.28 -8.37 -9.11
C THR A 51 5.02 -8.83 -10.38
N VAL A 52 4.54 -9.93 -10.97
CA VAL A 52 4.88 -10.32 -12.35
C VAL A 52 3.59 -10.29 -13.21
N ARG A 53 3.71 -10.00 -14.50
CA ARG A 53 2.53 -9.79 -15.35
C ARG A 53 1.77 -11.10 -15.43
N GLN A 54 0.48 -11.05 -15.12
CA GLN A 54 -0.40 -12.20 -15.10
C GLN A 54 -1.49 -11.98 -16.12
N ASP A 55 -1.97 -13.06 -16.73
CA ASP A 55 -3.16 -12.95 -17.54
C ASP A 55 -4.34 -12.86 -16.59
N PRO A 56 -5.17 -11.81 -16.71
CA PRO A 56 -6.25 -11.62 -15.70
C PRO A 56 -7.23 -12.77 -15.52
N VAL A 57 -7.74 -13.30 -16.63
CA VAL A 57 -8.70 -14.41 -16.61
C VAL A 57 -8.07 -15.63 -15.92
N ALA A 58 -6.82 -15.93 -16.26
CA ALA A 58 -6.09 -17.05 -15.63
C ALA A 58 -5.78 -16.82 -14.15
N LEU A 59 -5.51 -15.59 -13.76
CA LEU A 59 -5.27 -15.33 -12.33
C LEU A 59 -6.52 -15.61 -11.50
N ARG A 60 -7.65 -15.13 -11.99
CA ARG A 60 -8.93 -15.35 -11.34
C ARG A 60 -9.25 -16.87 -11.21
N LYS A 61 -9.03 -17.60 -12.31
CA LYS A 61 -9.27 -19.07 -12.35
C LYS A 61 -8.31 -19.79 -11.37
N ALA A 62 -7.05 -19.38 -11.41
CA ALA A 62 -6.03 -19.97 -10.57
C ALA A 62 -6.23 -19.75 -9.05
N THR A 63 -6.81 -18.59 -8.70
CA THR A 63 -7.13 -18.24 -7.31
C THR A 63 -8.18 -19.22 -6.80
N LEU A 64 -9.25 -19.37 -7.59
CA LEU A 64 -10.29 -20.35 -7.27
C LEU A 64 -9.77 -21.83 -7.31
N ASP A 65 -8.90 -22.16 -8.26
CA ASP A 65 -8.29 -23.51 -8.31
C ASP A 65 -7.49 -23.83 -7.04
N VAL A 66 -6.62 -22.90 -6.60
CA VAL A 66 -5.84 -23.16 -5.38
C VAL A 66 -6.72 -23.30 -4.14
N LEU A 67 -7.77 -22.49 -4.02
CA LEU A 67 -8.75 -22.64 -2.95
C LEU A 67 -9.42 -24.00 -2.95
N ALA A 68 -9.97 -24.39 -4.09
CA ALA A 68 -10.68 -25.66 -4.19
C ALA A 68 -9.70 -26.84 -3.93
N LEU A 69 -8.47 -26.71 -4.37
CA LEU A 69 -7.43 -27.74 -4.07
C LEU A 69 -7.15 -27.89 -2.61
N TYR A 70 -6.89 -26.78 -1.93
CA TYR A 70 -6.74 -26.83 -0.48
C TYR A 70 -7.95 -27.48 0.21
N LEU A 71 -9.17 -27.15 -0.21
CA LEU A 71 -10.37 -27.77 0.38
C LEU A 71 -10.44 -29.27 0.09
N ALA A 72 -10.14 -29.64 -1.16
CA ALA A 72 -10.04 -31.04 -1.55
C ALA A 72 -9.01 -31.85 -0.73
N CYS A 73 -7.89 -31.24 -0.38
CA CYS A 73 -6.87 -31.88 0.46
C CYS A 73 -7.28 -32.00 1.91
N GLY A 74 -8.34 -31.31 2.34
CA GLY A 74 -8.88 -31.40 3.70
C GLY A 74 -8.65 -30.20 4.62
N ILE A 75 -8.25 -29.06 4.06
CA ILE A 75 -8.22 -27.83 4.83
C ILE A 75 -9.69 -27.45 5.00
N ASP A 76 -10.06 -27.14 6.23
CA ASP A 76 -11.45 -27.09 6.65
C ASP A 76 -11.69 -25.66 7.10
N PRO A 77 -12.54 -24.89 6.39
CA PRO A 77 -12.77 -23.50 6.78
C PRO A 77 -13.50 -23.31 8.14
N ASN A 78 -14.02 -24.38 8.77
CA ASN A 78 -14.52 -24.31 10.16
C ASN A 78 -13.40 -24.51 11.19
N LYS A 79 -12.22 -24.94 10.76
CA LYS A 79 -11.07 -25.11 11.66
C LYS A 79 -9.91 -24.17 11.36
N SER A 80 -9.72 -23.86 10.08
CA SER A 80 -8.73 -22.91 9.63
C SER A 80 -9.41 -21.62 9.11
N THR A 81 -8.62 -20.55 8.98
CA THR A 81 -9.10 -19.32 8.35
C THR A 81 -8.47 -19.30 6.96
N ILE A 82 -9.29 -19.43 5.94
CA ILE A 82 -8.82 -19.38 4.54
C ILE A 82 -9.42 -18.17 3.78
N PHE A 83 -8.59 -17.38 3.11
CA PHE A 83 -9.06 -16.17 2.46
C PHE A 83 -8.15 -15.68 1.37
N VAL A 84 -8.69 -14.73 0.61
CA VAL A 84 -7.95 -14.10 -0.48
C VAL A 84 -7.42 -12.76 0.00
N GLN A 85 -6.11 -12.60 -0.13
CA GLN A 85 -5.32 -11.44 0.31
C GLN A 85 -5.99 -10.09 -0.05
N SER A 86 -6.39 -9.97 -1.30
CA SER A 86 -7.08 -8.76 -1.79
C SER A 86 -8.42 -8.51 -1.13
N HIS A 87 -9.01 -9.50 -0.43
CA HIS A 87 -10.33 -9.25 0.24
C HIS A 87 -10.22 -8.56 1.63
N VAL A 88 -8.98 -8.31 2.06
CA VAL A 88 -8.68 -7.79 3.42
C VAL A 88 -7.80 -6.56 3.26
N PRO A 89 -8.44 -5.37 3.14
CA PRO A 89 -7.72 -4.08 2.94
C PRO A 89 -6.54 -3.81 3.90
N GLU A 90 -6.65 -4.35 5.11
CA GLU A 90 -5.67 -4.14 6.19
C GLU A 90 -4.25 -4.58 5.79
N HIS A 91 -4.15 -5.55 4.91
CA HIS A 91 -2.83 -5.94 4.38
C HIS A 91 -2.08 -4.74 3.78
N THR A 92 -2.69 -4.05 2.83
CA THR A 92 -2.03 -2.92 2.18
C THR A 92 -1.86 -1.73 3.09
N GLN A 93 -2.82 -1.55 4.03
CA GLN A 93 -2.77 -0.46 4.98
C GLN A 93 -1.57 -0.63 5.91
N LEU A 94 -1.38 -1.83 6.45
CA LEU A 94 -0.18 -2.07 7.23
C LEU A 94 1.09 -1.93 6.40
N SER A 95 1.12 -2.42 5.16
CA SER A 95 2.37 -2.38 4.39
C SER A 95 2.84 -0.92 4.19
N TRP A 96 1.91 0.03 3.99
CA TRP A 96 2.33 1.44 3.86
C TRP A 96 3.04 1.94 5.12
N VAL A 97 2.47 1.64 6.29
CA VAL A 97 3.06 2.06 7.57
C VAL A 97 4.43 1.40 7.68
N LEU A 98 4.50 0.10 7.42
CA LEU A 98 5.84 -0.59 7.52
C LEU A 98 6.91 -0.08 6.52
N ASN A 99 6.49 0.30 5.32
CA ASN A 99 7.41 0.95 4.34
C ASN A 99 8.11 2.14 4.94
N CYS A 100 7.40 2.85 5.79
CA CYS A 100 7.96 4.04 6.38
C CYS A 100 9.02 3.73 7.42
N TYR A 101 9.00 2.52 7.97
CA TYR A 101 9.95 2.03 8.99
C TYR A 101 10.98 0.98 8.45
N THR A 102 11.10 0.89 7.14
CA THR A 102 11.94 -0.08 6.47
C THR A 102 12.98 0.73 5.70
N TYR A 103 14.24 0.41 5.87
CA TYR A 103 15.28 1.06 5.06
C TYR A 103 15.23 0.65 3.59
N PHE A 104 15.45 1.63 2.70
CA PHE A 104 15.61 1.36 1.29
C PHE A 104 16.60 0.20 1.04
N GLY A 105 17.77 0.32 1.68
CA GLY A 105 18.89 -0.61 1.50
C GLY A 105 18.54 -2.03 1.90
N GLU A 106 17.58 -2.18 2.81
CA GLU A 106 17.07 -3.50 3.20
C GLU A 106 16.29 -4.19 2.09
N MET A 107 15.61 -3.41 1.23
CA MET A 107 14.94 -4.00 0.09
C MET A 107 15.89 -4.20 -1.07
N SER A 108 16.80 -3.28 -1.32
CA SER A 108 17.68 -3.42 -2.47
C SER A 108 18.69 -4.54 -2.31
N ARG A 109 18.98 -4.95 -1.08
CA ARG A 109 19.94 -6.06 -0.80
CA ARG A 109 19.94 -6.05 -0.86
C ARG A 109 19.31 -7.45 -0.94
N MET A 110 18.00 -7.51 -1.20
CA MET A 110 17.27 -8.78 -1.28
C MET A 110 17.69 -9.65 -2.49
N THR A 111 17.95 -10.92 -2.20
CA THR A 111 18.39 -11.92 -3.23
C THR A 111 17.29 -12.10 -4.27
N GLN A 112 16.04 -12.19 -3.80
CA GLN A 112 14.90 -12.36 -4.67
C GLN A 112 14.71 -11.19 -5.63
N PHE A 113 14.79 -9.96 -5.13
CA PHE A 113 14.70 -8.79 -6.00
C PHE A 113 15.75 -8.80 -7.11
N LYS A 114 17.00 -9.07 -6.72
CA LYS A 114 18.13 -9.19 -7.65
C LYS A 114 17.91 -10.27 -8.71
N ASP A 115 17.34 -11.41 -8.30
CA ASP A 115 17.09 -12.50 -9.26
C ASP A 115 15.90 -12.30 -10.22
N LYS A 116 14.81 -11.74 -9.71
CA LYS A 116 13.63 -11.46 -10.50
C LYS A 116 13.91 -10.27 -11.46
N SER A 117 14.79 -9.36 -11.02
CA SER A 117 15.25 -8.23 -11.85
C SER A 117 16.07 -8.69 -13.07
N ALA A 118 16.94 -9.67 -12.86
CA ALA A 118 17.64 -10.35 -13.97
C ALA A 118 16.68 -11.10 -14.91
N ARG A 119 15.75 -11.88 -14.34
CA ARG A 119 14.79 -12.70 -15.12
C ARG A 119 13.68 -11.89 -15.84
N TYR A 120 13.20 -10.81 -15.24
CA TYR A 120 12.16 -9.95 -15.84
C TYR A 120 12.65 -8.49 -15.93
N ALA A 121 13.75 -8.25 -16.64
CA ALA A 121 14.32 -6.88 -16.78
C ALA A 121 13.36 -5.92 -17.53
N GLU A 122 12.46 -6.47 -18.35
CA GLU A 122 11.36 -5.70 -18.97
C GLU A 122 10.29 -5.15 -18.01
N ASN A 123 10.20 -5.68 -16.79
CA ASN A 123 9.18 -5.27 -15.81
C ASN A 123 9.81 -5.29 -14.43
N ILE A 124 10.82 -4.45 -14.24
CA ILE A 124 11.38 -4.26 -12.90
C ILE A 124 10.51 -3.18 -12.26
N ASN A 125 9.42 -3.62 -11.65
CA ASN A 125 8.47 -2.71 -11.01
C ASN A 125 8.69 -2.50 -9.51
N VAL A 126 8.00 -1.50 -8.96
CA VAL A 126 8.12 -1.15 -7.55
C VAL A 126 7.49 -2.23 -6.67
N GLY A 127 6.47 -2.89 -7.19
CA GLY A 127 5.86 -4.01 -6.50
C GLY A 127 6.85 -5.12 -6.20
N LEU A 128 7.70 -5.40 -7.19
CA LEU A 128 8.71 -6.43 -7.07
C LEU A 128 9.72 -6.06 -5.97
N PHE A 129 10.10 -4.78 -5.92
CA PHE A 129 11.01 -4.23 -4.91
C PHE A 129 10.41 -4.26 -3.48
N ASP A 130 9.12 -3.96 -3.38
CA ASP A 130 8.40 -3.79 -2.10
C ASP A 130 7.67 -5.06 -1.62
N TYR A 131 7.72 -6.11 -2.44
CA TYR A 131 7.26 -7.47 -2.10
C TYR A 131 7.47 -7.88 -0.58
N PRO A 132 8.71 -7.78 -0.09
CA PRO A 132 8.98 -8.19 1.29
C PRO A 132 8.20 -7.43 2.39
N VAL A 133 7.89 -6.15 2.17
CA VAL A 133 7.12 -5.36 3.17
C VAL A 133 5.68 -5.80 3.22
N LEU A 134 5.07 -6.06 2.06
CA LEU A 134 3.72 -6.58 2.03
C LEU A 134 3.69 -7.93 2.66
N MET A 135 4.71 -8.73 2.40
CA MET A 135 4.86 -10.03 3.07
C MET A 135 4.94 -9.86 4.58
N ALA A 136 5.78 -8.92 5.05
CA ALA A 136 5.82 -8.61 6.47
C ALA A 136 4.44 -8.26 7.01
N ALA A 137 3.69 -7.46 6.24
CA ALA A 137 2.38 -7.03 6.72
C ALA A 137 1.43 -8.20 6.81
N ASP A 138 1.44 -9.05 5.78
CA ASP A 138 0.60 -10.25 5.74
C ASP A 138 0.74 -11.05 7.10
N ILE A 139 1.99 -11.26 7.55
CA ILE A 139 2.28 -12.05 8.77
C ILE A 139 1.94 -11.32 10.06
N LEU A 140 2.36 -10.05 10.15
CA LEU A 140 2.34 -9.34 11.43
C LEU A 140 0.92 -8.96 11.85
N LEU A 141 0.03 -8.82 10.85
CA LEU A 141 -1.36 -8.46 11.10
C LEU A 141 -2.09 -9.46 11.98
N TYR A 142 -1.72 -10.73 11.89
CA TYR A 142 -2.40 -11.83 12.59
C TYR A 142 -1.67 -12.32 13.84
N GLN A 143 -0.61 -11.60 14.22
CA GLN A 143 0.14 -11.89 15.41
C GLN A 143 0.66 -13.35 15.37
N ALA A 144 1.13 -13.76 14.21
CA ALA A 144 1.49 -15.13 13.99
C ALA A 144 2.74 -15.38 14.78
N LYS A 145 2.81 -16.55 15.41
CA LYS A 145 4.00 -16.98 16.13
C LYS A 145 4.92 -17.69 15.20
N SER A 146 4.37 -18.43 14.24
CA SER A 146 5.14 -19.26 13.30
C SER A 146 4.69 -19.16 11.84
N VAL A 147 5.68 -19.22 10.95
CA VAL A 147 5.50 -19.09 9.52
C VAL A 147 6.39 -20.12 8.82
N PRO A 148 5.80 -21.07 8.08
CA PRO A 148 6.63 -21.90 7.21
C PRO A 148 7.05 -21.15 5.96
N VAL A 149 8.32 -21.22 5.62
CA VAL A 149 8.85 -20.61 4.40
C VAL A 149 9.83 -21.57 3.73
N GLY A 150 9.85 -21.59 2.40
CA GLY A 150 10.89 -22.33 1.66
C GLY A 150 12.23 -21.65 1.87
N ASP A 151 13.33 -22.37 1.61
CA ASP A 151 14.68 -21.81 1.78
C ASP A 151 14.86 -20.48 1.06
N ASP A 152 14.27 -20.34 -0.12
CA ASP A 152 14.33 -19.06 -0.86
C ASP A 152 13.62 -17.85 -0.20
N GLN A 153 12.68 -18.11 0.72
CA GLN A 153 11.85 -17.06 1.40
C GLN A 153 12.33 -16.68 2.83
N LYS A 154 13.47 -17.22 3.24
CA LYS A 154 14.02 -17.03 4.59
C LYS A 154 14.44 -15.61 4.88
N GLN A 155 15.12 -14.99 3.90
CA GLN A 155 15.60 -13.61 4.01
C GLN A 155 14.36 -12.66 4.19
N HIS A 156 13.24 -13.02 3.56
CA HIS A 156 11.98 -12.30 3.69
C HIS A 156 11.41 -12.42 5.10
N LEU A 157 11.45 -13.62 5.69
CA LEU A 157 10.96 -13.80 7.06
C LEU A 157 11.90 -13.07 8.06
N GLU A 158 13.19 -13.07 7.76
CA GLU A 158 14.14 -12.36 8.62
C GLU A 158 13.88 -10.83 8.61
N ILE A 159 13.65 -10.26 7.44
CA ILE A 159 13.40 -8.82 7.36
C ILE A 159 12.10 -8.49 8.08
N THR A 160 11.09 -9.38 8.00
CA THR A 160 9.85 -9.24 8.76
C THR A 160 10.09 -9.08 10.27
N ARG A 161 10.96 -9.96 10.81
CA ARG A 161 11.38 -9.89 12.21
C ARG A 161 12.08 -8.57 12.57
N ASP A 162 13.00 -8.14 11.72
CA ASP A 162 13.72 -6.88 11.93
C ASP A 162 12.79 -5.66 11.93
N ILE A 163 11.80 -5.66 11.05
CA ILE A 163 10.84 -4.54 10.98
C ILE A 163 9.95 -4.50 12.23
N ALA A 164 9.46 -5.67 12.63
CA ALA A 164 8.63 -5.80 13.78
C ALA A 164 9.36 -5.38 15.08
N ASN A 165 10.61 -5.81 15.22
CA ASN A 165 11.40 -5.45 16.39
C ASN A 165 11.67 -3.94 16.39
N ARG A 166 12.04 -3.39 15.24
CA ARG A 166 12.27 -1.95 15.10
C ARG A 166 11.03 -1.12 15.50
N PHE A 167 9.86 -1.55 15.04
CA PHE A 167 8.62 -0.81 15.34
C PHE A 167 8.26 -0.97 16.82
N ASN A 168 8.42 -2.19 17.33
CA ASN A 168 8.18 -2.44 18.74
C ASN A 168 9.15 -1.64 19.67
N ALA A 169 10.39 -1.43 19.24
CA ALA A 169 11.38 -0.67 20.01
C ALA A 169 10.98 0.76 20.11
N LEU A 170 10.26 1.27 19.12
CA LEU A 170 9.78 2.69 19.18
C LEU A 170 8.48 2.87 19.91
N TYR A 171 7.55 1.92 19.77
CA TYR A 171 6.15 2.12 20.17
C TYR A 171 5.61 1.13 21.20
N GLY A 172 6.37 0.11 21.61
CA GLY A 172 5.88 -0.90 22.59
C GLY A 172 5.63 -2.21 21.91
N ASN A 173 5.14 -3.22 22.62
CA ASN A 173 5.03 -4.55 22.06
C ASN A 173 3.77 -4.70 21.24
N ILE A 174 3.78 -4.12 20.05
CA ILE A 174 2.60 -4.17 19.24
C ILE A 174 2.59 -5.46 18.40
N PHE A 175 3.74 -5.89 17.89
CA PHE A 175 3.85 -7.10 17.05
C PHE A 175 4.44 -8.33 17.76
N THR A 176 3.97 -9.51 17.38
CA THR A 176 4.55 -10.77 17.78
C THR A 176 5.70 -10.91 16.81
N ILE A 177 6.87 -11.29 17.31
CA ILE A 177 8.03 -11.52 16.47
C ILE A 177 7.91 -12.97 15.97
N PRO A 178 7.66 -13.19 14.64
CA PRO A 178 7.39 -14.54 14.18
C PRO A 178 8.68 -15.36 14.02
N GLU A 179 8.56 -16.68 14.14
CA GLU A 179 9.67 -17.63 13.95
C GLU A 179 9.39 -18.56 12.79
N ILE A 180 10.44 -19.12 12.19
CA ILE A 180 10.28 -20.10 11.13
C ILE A 180 9.60 -21.34 11.70
N PHE A 181 8.67 -21.93 10.96
CA PHE A 181 7.94 -23.11 11.42
C PHE A 181 8.69 -24.28 10.86
N ILE A 182 9.16 -25.15 11.75
CA ILE A 182 9.90 -26.37 11.35
C ILE A 182 8.89 -27.51 11.44
N GLY A 183 8.52 -28.06 10.30
CA GLY A 183 7.41 -29.03 10.28
C GLY A 183 7.78 -30.39 10.89
N LYS A 184 6.74 -31.17 11.22
CA LYS A 184 6.83 -32.63 11.39
C LYS A 184 7.62 -33.22 10.25
N ALA A 185 7.49 -32.61 9.07
CA ALA A 185 8.22 -33.00 7.87
C ALA A 185 7.51 -34.24 7.30
N GLY A 186 7.35 -34.26 6.00
CA GLY A 186 6.62 -35.34 5.32
C GLY A 186 7.53 -35.97 4.31
N ALA A 187 6.92 -36.60 3.31
CA ALA A 187 7.65 -37.28 2.23
C ALA A 187 8.73 -36.41 1.56
N ARG A 188 9.97 -36.92 1.53
CA ARG A 188 11.02 -36.46 0.61
C ARG A 188 10.64 -36.81 -0.84
N ILE A 189 10.28 -35.81 -1.65
CA ILE A 189 9.78 -36.06 -3.02
C ILE A 189 10.60 -35.25 -4.04
N MET A 190 11.42 -35.96 -4.80
CA MET A 190 12.34 -35.30 -5.73
C MET A 190 11.78 -35.16 -7.15
N SER A 191 12.50 -34.40 -7.96
CA SER A 191 12.16 -34.19 -9.33
C SER A 191 12.43 -35.49 -10.08
N LEU A 192 11.52 -35.84 -10.99
CA LEU A 192 11.52 -37.14 -11.69
C LEU A 192 12.66 -37.35 -12.66
N GLN A 193 13.17 -36.24 -13.24
CA GLN A 193 14.33 -36.28 -14.15
C GLN A 193 15.61 -35.62 -13.59
N ASP A 194 15.51 -34.99 -12.42
CA ASP A 194 16.64 -34.45 -11.70
C ASP A 194 16.46 -34.89 -10.23
N PRO A 195 16.69 -36.19 -9.91
CA PRO A 195 16.50 -36.65 -8.54
C PRO A 195 17.26 -35.87 -7.47
N GLU A 196 18.31 -35.14 -7.85
CA GLU A 196 19.09 -34.37 -6.89
C GLU A 196 18.36 -33.10 -6.42
N LYS A 197 17.27 -32.73 -7.10
CA LYS A 197 16.49 -31.55 -6.77
C LYS A 197 15.06 -31.92 -6.35
N LYS A 198 14.52 -31.18 -5.37
CA LYS A 198 13.17 -31.39 -4.89
C LYS A 198 12.17 -30.90 -5.94
N MET A 199 11.17 -31.73 -6.19
CA MET A 199 10.06 -31.37 -7.08
C MET A 199 9.44 -30.00 -6.71
N SER A 200 9.23 -29.17 -7.71
CA SER A 200 8.86 -27.77 -7.48
C SER A 200 7.69 -27.34 -8.36
N LYS A 201 6.72 -26.64 -7.75
CA LYS A 201 5.62 -25.90 -8.43
C LYS A 201 5.99 -25.19 -9.74
N SER A 202 7.15 -24.54 -9.75
CA SER A 202 7.52 -23.54 -10.79
C SER A 202 8.35 -24.06 -11.95
N ASP A 203 8.68 -25.34 -11.93
CA ASP A 203 9.73 -25.89 -12.78
C ASP A 203 9.33 -25.91 -14.29
N ASP A 204 10.29 -25.59 -15.17
CA ASP A 204 10.01 -25.44 -16.62
C ASP A 204 9.88 -26.78 -17.29
N ASN A 205 10.79 -27.69 -16.97
CA ASN A 205 10.64 -29.09 -17.36
C ASN A 205 9.45 -29.66 -16.59
N ARG A 206 8.37 -29.96 -17.33
CA ARG A 206 7.14 -30.51 -16.77
C ARG A 206 7.18 -32.03 -16.58
N ASN A 207 8.15 -32.72 -17.19
CA ASN A 207 8.41 -34.14 -16.87
C ASN A 207 8.99 -34.38 -15.45
N ASN A 208 9.48 -33.33 -14.79
CA ASN A 208 9.95 -33.38 -13.39
C ASN A 208 8.86 -33.49 -12.35
N VAL A 209 7.63 -33.13 -12.69
CA VAL A 209 6.57 -33.04 -11.69
C VAL A 209 5.39 -33.92 -12.03
N VAL A 210 4.63 -34.25 -11.00
CA VAL A 210 3.29 -34.74 -11.14
C VAL A 210 2.41 -33.74 -10.41
N THR A 211 1.46 -33.19 -11.15
CA THR A 211 0.49 -32.26 -10.63
C THR A 211 -0.69 -33.01 -10.04
N LEU A 212 -1.35 -32.39 -9.06
CA LEU A 212 -2.48 -33.02 -8.37
C LEU A 212 -3.69 -33.23 -9.28
N LEU A 213 -3.90 -32.30 -10.20
CA LEU A 213 -5.01 -32.39 -11.18
C LEU A 213 -4.67 -33.18 -12.46
N GLU A 214 -3.52 -33.85 -12.46
CA GLU A 214 -3.02 -34.46 -13.66
C GLU A 214 -3.74 -35.77 -13.95
N ASP A 215 -3.93 -36.01 -15.23
CA ASP A 215 -4.65 -37.14 -15.77
C ASP A 215 -3.93 -38.48 -15.47
N PRO A 216 -4.69 -39.58 -15.22
CA PRO A 216 -4.09 -40.92 -15.04
C PRO A 216 -3.13 -41.40 -16.16
N LYS A 217 -3.47 -41.17 -17.44
CA LYS A 217 -2.56 -41.51 -18.54
CA LYS A 217 -2.57 -41.49 -18.55
C LYS A 217 -1.37 -40.54 -18.60
N SER A 218 -1.56 -39.31 -18.15
CA SER A 218 -0.47 -38.35 -18.08
C SER A 218 0.49 -38.70 -16.94
N VAL A 219 -0.07 -39.04 -15.76
CA VAL A 219 0.73 -39.53 -14.64
C VAL A 219 1.61 -40.70 -15.08
N ALA A 220 0.99 -41.67 -15.77
CA ALA A 220 1.65 -42.90 -16.23
C ALA A 220 2.84 -42.60 -17.15
N LYS A 221 2.67 -41.66 -18.07
CA LYS A 221 3.77 -41.21 -18.94
C LYS A 221 4.95 -40.67 -18.13
N LYS A 222 4.65 -39.73 -17.25
CA LYS A 222 5.67 -39.05 -16.44
C LYS A 222 6.51 -39.97 -15.55
N ILE A 223 5.86 -40.99 -15.00
CA ILE A 223 6.50 -42.00 -14.17
C ILE A 223 7.28 -42.96 -15.08
N LYS A 224 6.69 -43.35 -16.21
CA LYS A 224 7.39 -44.17 -17.21
C LYS A 224 8.77 -43.57 -17.54
N ARG A 225 8.83 -42.28 -17.82
CA ARG A 225 10.08 -41.57 -18.13
C ARG A 225 10.78 -40.96 -16.88
N ALA A 226 10.62 -41.59 -15.71
CA ALA A 226 11.34 -41.14 -14.52
C ALA A 226 12.74 -41.67 -14.70
N VAL A 227 13.75 -40.86 -14.35
CA VAL A 227 15.13 -41.29 -14.53
C VAL A 227 15.43 -42.37 -13.50
N THR A 228 16.10 -43.42 -13.97
CA THR A 228 16.60 -44.48 -13.12
C THR A 228 17.98 -44.84 -13.62
N ASP A 229 18.75 -45.46 -12.73
CA ASP A 229 20.12 -45.80 -12.99
C ASP A 229 20.24 -46.92 -14.03
N SER A 230 21.47 -47.26 -14.37
CA SER A 230 21.75 -48.32 -15.33
C SER A 230 22.31 -49.56 -14.65
N ASP A 231 22.06 -49.76 -13.35
CA ASP A 231 22.50 -50.98 -12.63
C ASP A 231 22.08 -52.21 -13.43
N GLU A 232 22.96 -53.20 -13.50
CA GLU A 232 22.74 -54.41 -14.29
C GLU A 232 23.20 -55.68 -13.53
N PRO A 233 22.26 -56.57 -13.13
CA PRO A 233 20.81 -56.48 -13.32
C PRO A 233 20.17 -55.27 -12.61
N PRO A 234 18.97 -54.86 -13.04
CA PRO A 234 18.24 -53.84 -12.27
C PRO A 234 17.78 -54.39 -10.91
N VAL A 235 17.93 -53.59 -9.86
CA VAL A 235 17.43 -53.96 -8.53
C VAL A 235 16.85 -52.77 -7.80
N VAL A 236 15.73 -53.03 -7.15
CA VAL A 236 14.91 -52.02 -6.54
C VAL A 236 15.31 -52.01 -5.09
N ARG A 237 16.26 -51.12 -4.77
CA ARG A 237 16.82 -50.96 -3.42
C ARG A 237 17.02 -49.50 -3.12
N TYR A 238 16.79 -49.11 -1.87
CA TYR A 238 16.94 -47.72 -1.47
C TYR A 238 18.43 -47.39 -1.27
N ASP A 239 18.90 -46.42 -2.04
CA ASP A 239 20.27 -45.90 -1.96
C ASP A 239 20.28 -44.53 -2.65
N VAL A 240 20.23 -43.47 -1.85
CA VAL A 240 20.11 -42.11 -2.36
C VAL A 240 21.36 -41.64 -3.12
N GLN A 241 22.52 -41.98 -2.56
CA GLN A 241 23.83 -41.78 -3.19
C GLN A 241 23.95 -42.35 -4.62
N ASN A 242 23.70 -43.66 -4.78
CA ASN A 242 23.92 -44.40 -6.04
C ASN A 242 22.69 -44.59 -6.94
N LYS A 243 21.48 -44.51 -6.37
CA LYS A 243 20.23 -44.87 -7.05
C LYS A 243 19.14 -43.86 -6.72
N ALA A 244 19.43 -42.56 -6.90
CA ALA A 244 18.52 -41.47 -6.55
C ALA A 244 17.18 -41.64 -7.24
N GLY A 245 17.25 -41.93 -8.54
CA GLY A 245 16.09 -42.22 -9.35
C GLY A 245 15.16 -43.26 -8.77
N VAL A 246 15.66 -44.47 -8.54
CA VAL A 246 14.87 -45.56 -7.96
C VAL A 246 14.44 -45.28 -6.50
N SER A 247 15.31 -44.64 -5.72
CA SER A 247 14.97 -44.34 -4.34
C SER A 247 13.79 -43.37 -4.24
N ASN A 248 13.75 -42.36 -5.12
CA ASN A 248 12.65 -41.41 -5.17
C ASN A 248 11.32 -42.17 -5.44
N LEU A 249 11.33 -43.06 -6.44
CA LEU A 249 10.16 -43.85 -6.81
C LEU A 249 9.65 -44.64 -5.63
N LEU A 250 10.58 -45.16 -4.82
CA LEU A 250 10.24 -45.89 -3.61
C LEU A 250 9.70 -44.95 -2.50
N ASP A 251 10.30 -43.76 -2.37
CA ASP A 251 9.77 -42.73 -1.42
C ASP A 251 8.33 -42.34 -1.77
N ILE A 252 8.06 -42.17 -3.04
CA ILE A 252 6.71 -41.86 -3.54
C ILE A 252 5.74 -43.00 -3.22
N LEU A 253 6.16 -44.23 -3.53
CA LEU A 253 5.34 -45.41 -3.30
C LEU A 253 5.02 -45.57 -1.83
N SER A 254 6.03 -45.50 -0.98
CA SER A 254 5.86 -45.55 0.46
C SER A 254 4.88 -44.49 1.01
N ALA A 255 5.01 -43.27 0.48
CA ALA A 255 4.27 -42.12 0.95
C ALA A 255 2.79 -42.27 0.69
N VAL A 256 2.48 -42.73 -0.51
CA VAL A 256 1.13 -42.93 -0.94
C VAL A 256 0.47 -44.17 -0.30
N THR A 257 1.15 -45.30 -0.33
CA THR A 257 0.59 -46.54 0.22
C THR A 257 0.71 -46.66 1.74
N ASP A 258 1.63 -45.92 2.35
CA ASP A 258 1.96 -46.09 3.79
C ASP A 258 2.70 -47.42 4.11
N LYS A 259 3.31 -48.03 3.10
CA LYS A 259 4.05 -49.27 3.28
C LYS A 259 5.53 -48.88 3.55
N PRO A 260 6.15 -49.45 4.60
CA PRO A 260 7.58 -49.23 4.84
C PRO A 260 8.41 -49.50 3.60
N ILE A 261 9.49 -48.74 3.46
CA ILE A 261 10.38 -48.92 2.32
C ILE A 261 10.94 -50.35 2.24
N ALA A 262 11.32 -50.91 3.38
CA ALA A 262 11.86 -52.27 3.41
C ALA A 262 10.89 -53.32 2.87
N ASP A 263 9.61 -53.17 3.18
CA ASP A 263 8.57 -54.06 2.65
C ASP A 263 8.45 -53.95 1.11
N LEU A 264 8.53 -52.73 0.60
CA LEU A 264 8.52 -52.51 -0.84
C LEU A 264 9.73 -53.17 -1.52
N GLU A 265 10.86 -53.19 -0.84
CA GLU A 265 12.04 -53.86 -1.39
C GLU A 265 11.81 -55.36 -1.57
N LYS A 266 11.16 -55.97 -0.58
CA LYS A 266 10.79 -57.38 -0.66
C LYS A 266 9.84 -57.61 -1.81
N GLU A 267 8.81 -56.77 -1.89
CA GLU A 267 7.80 -56.88 -2.95
C GLU A 267 8.41 -56.88 -4.36
N PHE A 268 9.37 -55.99 -4.58
CA PHE A 268 9.99 -55.85 -5.89
C PHE A 268 11.34 -56.57 -6.10
N GLU A 269 11.75 -57.48 -5.18
CA GLU A 269 12.95 -58.31 -5.46
C GLU A 269 12.69 -59.09 -6.75
N GLY A 270 13.68 -59.06 -7.64
CA GLY A 270 13.58 -59.72 -8.94
C GLY A 270 12.73 -59.03 -10.00
N LYS A 271 12.13 -57.87 -9.72
CA LYS A 271 11.33 -57.17 -10.73
C LYS A 271 12.19 -56.11 -11.48
N MET A 272 11.66 -55.66 -12.61
CA MET A 272 12.26 -54.60 -13.43
C MET A 272 11.81 -53.24 -12.90
N TYR A 273 12.52 -52.19 -13.31
CA TYR A 273 12.14 -50.81 -13.01
C TYR A 273 10.73 -50.49 -13.57
N GLY A 274 10.42 -51.04 -14.75
CA GLY A 274 9.05 -51.04 -15.28
C GLY A 274 7.93 -51.49 -14.32
N HIS A 275 8.12 -52.58 -13.56
CA HIS A 275 7.10 -53.02 -12.58
C HIS A 275 6.92 -51.98 -11.48
N LEU A 276 8.05 -51.44 -10.99
CA LEU A 276 8.04 -50.41 -9.95
C LEU A 276 7.36 -49.12 -10.42
N LYS A 277 7.61 -48.75 -11.67
CA LYS A 277 6.97 -47.60 -12.28
C LYS A 277 5.45 -47.79 -12.49
N THR A 278 4.98 -49.00 -12.80
CA THR A 278 3.55 -49.26 -12.95
C THR A 278 2.87 -49.13 -11.62
N ALA A 279 3.49 -49.66 -10.57
CA ALA A 279 2.89 -49.60 -9.25
C ALA A 279 2.79 -48.17 -8.77
N VAL A 280 3.88 -47.42 -8.94
CA VAL A 280 3.92 -46.00 -8.53
C VAL A 280 2.86 -45.17 -9.27
N ALA A 281 2.74 -45.34 -10.60
CA ALA A 281 1.69 -44.66 -11.38
C ALA A 281 0.30 -45.10 -10.95
N ASP A 282 0.09 -46.40 -10.76
CA ASP A 282 -1.21 -46.91 -10.31
CA ASP A 282 -1.21 -46.89 -10.30
C ASP A 282 -1.59 -46.28 -8.95
N GLU A 283 -0.67 -46.31 -7.99
CA GLU A 283 -0.97 -45.85 -6.64
C GLU A 283 -1.10 -44.32 -6.54
N VAL A 284 -0.26 -43.59 -7.26
CA VAL A 284 -0.39 -42.13 -7.35
C VAL A 284 -1.72 -41.75 -8.02
N SER A 285 -2.11 -42.45 -9.09
CA SER A 285 -3.39 -42.11 -9.75
C SER A 285 -4.62 -42.44 -8.91
N THR A 286 -4.51 -43.46 -8.06
CA THR A 286 -5.57 -43.76 -7.06
C THR A 286 -5.77 -42.62 -6.06
N LEU A 287 -4.68 -42.17 -5.45
CA LEU A 287 -4.72 -40.99 -4.55
C LEU A 287 -5.30 -39.79 -5.26
N LEU A 288 -4.77 -39.52 -6.45
CA LEU A 288 -5.16 -38.34 -7.20
C LEU A 288 -6.62 -38.34 -7.69
N ALA A 289 -7.13 -39.51 -8.07
CA ALA A 289 -8.55 -39.68 -8.42
C ALA A 289 -9.45 -39.23 -7.26
N SER A 290 -9.08 -39.67 -6.06
CA SER A 290 -9.78 -39.26 -4.85
C SER A 290 -9.75 -37.72 -4.63
N LEU A 291 -8.58 -37.11 -4.82
CA LEU A 291 -8.41 -35.67 -4.59
C LEU A 291 -9.21 -34.94 -5.62
N GLN A 292 -9.03 -35.37 -6.87
CA GLN A 292 -9.68 -34.74 -8.00
C GLN A 292 -11.20 -34.77 -7.94
N GLU A 293 -11.79 -35.86 -7.43
CA GLU A 293 -13.26 -35.93 -7.35
C GLU A 293 -13.77 -34.87 -6.37
N ARG A 294 -13.09 -34.75 -5.22
CA ARG A 294 -13.40 -33.72 -4.22
C ARG A 294 -13.18 -32.30 -4.80
N PHE A 295 -12.05 -32.09 -5.47
CA PHE A 295 -11.77 -30.82 -6.12
C PHE A 295 -12.88 -30.40 -7.06
N HIS A 296 -13.38 -31.37 -7.83
CA HIS A 296 -14.38 -31.06 -8.84
C HIS A 296 -15.69 -30.66 -8.21
N GLN A 297 -16.05 -31.30 -7.09
CA GLN A 297 -17.25 -30.88 -6.32
C GLN A 297 -17.11 -29.42 -5.86
N TYR A 298 -15.99 -29.11 -5.21
CA TYR A 298 -15.75 -27.75 -4.69
C TYR A 298 -15.68 -26.69 -5.77
N ARG A 299 -14.89 -26.99 -6.80
CA ARG A 299 -14.55 -25.99 -7.81
C ARG A 299 -15.78 -25.53 -8.59
N ASN A 300 -16.76 -26.43 -8.74
CA ASN A 300 -17.96 -26.19 -9.54
C ASN A 300 -19.14 -25.60 -8.74
N ASP A 301 -19.02 -25.61 -7.41
CA ASP A 301 -19.97 -24.98 -6.54
C ASP A 301 -19.49 -23.54 -6.18
N GLU A 302 -19.67 -22.63 -7.13
CA GLU A 302 -19.22 -21.24 -6.97
C GLU A 302 -19.89 -20.51 -5.81
N THR A 303 -21.13 -20.87 -5.49
CA THR A 303 -21.79 -20.28 -4.32
C THR A 303 -21.10 -20.72 -3.02
N LEU A 304 -20.70 -21.98 -2.93
CA LEU A 304 -19.92 -22.45 -1.80
C LEU A 304 -18.59 -21.72 -1.67
N LEU A 305 -17.90 -21.51 -2.77
CA LEU A 305 -16.57 -20.92 -2.73
C LEU A 305 -16.66 -19.47 -2.24
N ASP A 306 -17.60 -18.71 -2.83
CA ASP A 306 -17.88 -17.33 -2.39
C ASP A 306 -18.26 -17.23 -0.93
N ASN A 307 -19.04 -18.20 -0.42
CA ASN A 307 -19.38 -18.21 1.01
C ASN A 307 -18.19 -18.48 1.91
N ILE A 308 -17.34 -19.44 1.52
CA ILE A 308 -16.14 -19.77 2.25
C ILE A 308 -15.22 -18.53 2.31
N LEU A 309 -15.09 -17.85 1.18
CA LEU A 309 -14.22 -16.72 1.10
C LEU A 309 -14.74 -15.54 1.90
N ARG A 310 -16.06 -15.37 1.92
CA ARG A 310 -16.69 -14.30 2.68
C ARG A 310 -16.45 -14.52 4.16
N GLN A 311 -16.81 -15.71 4.63
CA GLN A 311 -16.62 -16.12 6.04
C GLN A 311 -15.15 -15.93 6.47
N GLY A 312 -14.24 -16.35 5.60
CA GLY A 312 -12.83 -16.31 5.86
C GLY A 312 -12.29 -14.90 5.91
N ALA A 313 -12.70 -14.07 4.95
CA ALA A 313 -12.27 -12.66 4.93
C ALA A 313 -12.78 -11.91 6.14
N GLU A 314 -14.00 -12.26 6.56
CA GLU A 314 -14.63 -11.68 7.74
C GLU A 314 -13.82 -11.98 9.03
N LYS A 315 -13.53 -13.24 9.24
CA LYS A 315 -12.64 -13.67 10.31
C LYS A 315 -11.29 -12.99 10.25
N ALA A 316 -10.70 -12.94 9.06
CA ALA A 316 -9.38 -12.31 8.87
C ALA A 316 -9.42 -10.84 9.23
N ARG A 317 -10.40 -10.11 8.67
CA ARG A 317 -10.55 -8.69 8.92
C ARG A 317 -10.70 -8.36 10.40
N ALA A 318 -11.45 -9.15 11.18
CA ALA A 318 -11.59 -8.87 12.64
C ALA A 318 -10.26 -8.91 13.40
N LYS A 319 -9.42 -9.86 13.03
CA LYS A 319 -8.14 -10.04 13.71
C LYS A 319 -7.14 -8.99 13.25
N ALA A 320 -7.08 -8.78 11.95
CA ALA A 320 -6.21 -7.79 11.37
C ALA A 320 -6.52 -6.39 11.92
N GLN A 321 -7.80 -6.03 12.03
CA GLN A 321 -8.22 -4.75 12.61
C GLN A 321 -7.74 -4.46 14.05
N GLU A 322 -7.70 -5.50 14.89
CA GLU A 322 -7.13 -5.39 16.23
C GLU A 322 -5.69 -4.91 16.18
N THR A 323 -4.89 -5.49 15.31
CA THR A 323 -3.51 -5.08 15.20
C THR A 323 -3.43 -3.70 14.55
N LEU A 324 -4.11 -3.47 13.44
CA LEU A 324 -3.92 -2.25 12.66
C LEU A 324 -4.32 -1.01 13.46
N ALA A 325 -5.39 -1.12 14.24
CA ALA A 325 -5.84 -0.02 15.11
C ALA A 325 -4.77 0.39 16.13
N LYS A 326 -4.09 -0.60 16.67
CA LYS A 326 -3.00 -0.32 17.60
C LYS A 326 -1.86 0.37 16.88
N VAL A 327 -1.52 -0.08 15.69
CA VAL A 327 -0.51 0.57 14.88
C VAL A 327 -0.86 2.02 14.55
N TYR A 328 -2.10 2.24 14.13
CA TYR A 328 -2.55 3.56 13.73
C TYR A 328 -2.56 4.49 14.94
N GLU A 329 -2.98 3.98 16.11
CA GLU A 329 -2.90 4.76 17.38
CA GLU A 329 -2.92 4.75 17.36
C GLU A 329 -1.47 5.14 17.67
N ALA A 330 -0.54 4.17 17.60
CA ALA A 330 0.86 4.42 17.96
C ALA A 330 1.51 5.51 17.09
N VAL A 331 1.34 5.44 15.77
CA VAL A 331 2.03 6.42 14.91
C VAL A 331 1.44 7.83 14.96
N GLY A 332 0.20 7.95 15.43
CA GLY A 332 -0.43 9.23 15.68
C GLY A 332 -1.62 9.58 14.81
N PHE A 333 -2.23 8.61 14.14
CA PHE A 333 -3.40 8.90 13.33
C PHE A 333 -4.66 9.15 14.17
N VAL A 334 -5.45 10.14 13.76
CA VAL A 334 -6.82 10.28 14.27
C VAL A 334 -7.59 9.01 13.98
N ALA A 335 -8.18 8.38 14.99
CA ALA A 335 -8.95 7.14 14.79
C ALA A 335 -10.29 7.43 14.13
N ALA A 336 -10.64 6.66 13.11
CA ALA A 336 -11.96 6.78 12.51
C ALA A 336 -13.02 6.44 13.54
N LYS A 337 -14.06 7.25 13.62
CA LYS A 337 -15.14 7.02 14.55
C LYS A 337 -16.44 6.88 13.78
N ALA B 5 -22.98 17.52 -13.35
CA ALA B 5 -21.74 17.04 -14.05
C ALA B 5 -20.51 17.90 -13.72
N LYS B 6 -20.30 18.26 -12.45
CA LYS B 6 -19.22 19.23 -12.06
C LYS B 6 -17.79 18.63 -12.14
N PRO B 7 -16.81 19.38 -12.69
CA PRO B 7 -15.48 18.78 -12.79
C PRO B 7 -14.82 18.60 -11.41
N ILE B 8 -14.11 17.50 -11.28
CA ILE B 8 -13.57 17.07 -10.00
C ILE B 8 -12.16 17.63 -9.84
N VAL B 9 -11.93 18.28 -8.70
CA VAL B 9 -10.60 18.78 -8.34
C VAL B 9 -10.21 18.08 -7.03
N PHE B 10 -8.99 17.58 -6.96
CA PHE B 10 -8.49 16.83 -5.80
C PHE B 10 -7.31 17.61 -5.23
N SER B 11 -7.34 17.89 -3.93
CA SER B 11 -6.21 18.47 -3.24
C SER B 11 -5.79 17.66 -2.00
N GLY B 12 -4.51 17.35 -1.92
CA GLY B 12 -3.93 16.79 -0.73
C GLY B 12 -3.47 17.87 0.22
N VAL B 13 -3.86 17.77 1.48
CA VAL B 13 -3.68 18.79 2.47
C VAL B 13 -2.76 18.22 3.57
N GLN B 14 -1.57 18.79 3.78
CA GLN B 14 -0.67 18.25 4.81
CA GLN B 14 -0.64 18.34 4.82
C GLN B 14 -1.19 18.67 6.20
N PRO B 15 -1.22 17.70 7.15
CA PRO B 15 -1.60 18.08 8.51
C PRO B 15 -0.73 19.23 9.01
N SER B 16 -1.35 20.29 9.51
CA SER B 16 -0.66 21.49 10.00
C SER B 16 -1.61 22.40 10.79
N GLY B 17 -1.20 22.84 11.97
CA GLY B 17 -1.90 23.89 12.70
C GLY B 17 -1.42 25.32 12.45
N GLU B 18 -0.61 25.56 11.42
CA GLU B 18 0.12 26.84 11.27
C GLU B 18 -0.10 27.64 9.97
N LEU B 19 -1.32 27.57 9.42
CA LEU B 19 -1.60 28.28 8.18
C LEU B 19 -1.58 29.78 8.39
N THR B 20 -1.19 30.48 7.36
CA THR B 20 -0.98 31.93 7.37
C THR B 20 -1.98 32.63 6.48
N ILE B 21 -2.03 33.97 6.59
CA ILE B 21 -2.89 34.75 5.73
C ILE B 21 -2.52 34.58 4.25
N GLY B 22 -1.26 34.21 3.99
CA GLY B 22 -0.80 33.88 2.65
C GLY B 22 -1.45 32.64 2.10
N ASN B 23 -1.59 31.63 2.95
CA ASN B 23 -2.38 30.43 2.59
C ASN B 23 -3.85 30.78 2.30
N TYR B 24 -4.45 31.58 3.18
CA TYR B 24 -5.86 31.90 3.09
C TYR B 24 -6.12 32.80 1.88
N LEU B 25 -5.39 33.89 1.75
CA LEU B 25 -5.61 34.84 0.67
C LEU B 25 -5.06 34.35 -0.65
N GLY B 26 -4.03 33.49 -0.63
CA GLY B 26 -3.60 32.81 -1.85
C GLY B 26 -4.67 31.81 -2.24
N ALA B 27 -4.42 30.55 -1.96
CA ALA B 27 -5.24 29.46 -2.43
C ALA B 27 -6.61 29.23 -1.73
N LEU B 28 -6.67 29.29 -0.40
CA LEU B 28 -7.81 28.72 0.35
C LEU B 28 -9.15 29.47 0.17
N ARG B 29 -9.08 30.79 0.20
CA ARG B 29 -10.26 31.58 -0.03
CA ARG B 29 -10.22 31.65 -0.07
C ARG B 29 -10.81 31.30 -1.43
N ASN B 30 -9.94 31.05 -2.41
CA ASN B 30 -10.43 30.68 -3.76
C ASN B 30 -11.00 29.24 -3.82
N TRP B 31 -10.39 28.27 -3.12
CA TRP B 31 -10.96 26.92 -3.08
CA TRP B 31 -10.97 26.92 -3.00
C TRP B 31 -12.40 27.02 -2.54
N VAL B 32 -12.60 27.84 -1.52
CA VAL B 32 -13.91 28.03 -0.91
C VAL B 32 -14.94 28.49 -1.94
N LYS B 33 -14.55 29.44 -2.78
CA LYS B 33 -15.42 30.00 -3.81
C LYS B 33 -15.71 29.03 -4.93
N MET B 34 -14.72 28.27 -5.36
CA MET B 34 -14.95 27.29 -6.43
C MET B 34 -15.77 26.04 -6.03
N GLN B 35 -16.16 25.90 -4.76
CA GLN B 35 -17.08 24.83 -4.34
C GLN B 35 -18.41 24.83 -5.08
N GLU B 36 -18.74 26.00 -5.64
CA GLU B 36 -19.93 26.19 -6.43
C GLU B 36 -19.87 25.56 -7.81
N ASP B 37 -18.73 25.70 -8.47
CA ASP B 37 -18.55 25.24 -9.84
C ASP B 37 -17.78 23.93 -9.98
N TYR B 38 -17.04 23.53 -8.94
CA TYR B 38 -16.31 22.24 -8.96
C TYR B 38 -16.77 21.25 -7.87
N GLU B 39 -16.51 19.97 -8.10
CA GLU B 39 -16.67 18.91 -7.12
CA GLU B 39 -16.67 18.92 -7.11
C GLU B 39 -15.29 18.80 -6.43
N CYS B 40 -15.14 19.49 -5.30
CA CYS B 40 -13.88 19.63 -4.61
C CYS B 40 -13.64 18.50 -3.59
N ILE B 41 -12.47 17.89 -3.62
CA ILE B 41 -12.16 16.78 -2.68
C ILE B 41 -10.88 17.19 -1.93
N PHE B 42 -10.97 17.21 -0.62
CA PHE B 42 -9.89 17.67 0.28
C PHE B 42 -9.54 16.49 1.18
N CYS B 43 -8.37 15.91 0.94
CA CYS B 43 -7.87 14.74 1.64
C CYS B 43 -6.71 15.18 2.53
N VAL B 44 -6.87 15.01 3.85
CA VAL B 44 -5.81 15.31 4.81
C VAL B 44 -4.82 14.15 4.83
N VAL B 45 -3.62 14.40 4.33
CA VAL B 45 -2.71 13.28 4.00
C VAL B 45 -1.81 12.84 5.17
N ASP B 46 -2.43 12.19 6.15
CA ASP B 46 -1.70 11.69 7.33
C ASP B 46 -0.75 10.53 7.00
N LEU B 47 -1.09 9.70 6.00
CA LEU B 47 -0.21 8.64 5.55
C LEU B 47 1.06 9.17 4.96
N HIS B 48 0.97 10.24 4.19
CA HIS B 48 2.18 10.81 3.62
C HIS B 48 3.02 11.48 4.72
N ALA B 49 2.38 11.97 5.78
CA ALA B 49 3.11 12.69 6.85
C ALA B 49 4.19 11.78 7.47
N ILE B 50 3.89 10.50 7.67
CA ILE B 50 4.80 9.56 8.38
C ILE B 50 5.97 9.02 7.53
N THR B 51 6.12 9.46 6.26
CA THR B 51 7.37 9.18 5.52
C THR B 51 8.61 9.86 6.13
N VAL B 52 8.37 10.77 7.07
CA VAL B 52 9.40 11.38 7.86
C VAL B 52 8.92 11.18 9.29
N ARG B 53 9.87 11.16 10.22
CA ARG B 53 9.52 10.83 11.57
C ARG B 53 8.60 11.89 12.18
N GLN B 54 7.51 11.46 12.81
CA GLN B 54 6.48 12.37 13.34
C GLN B 54 6.27 12.12 14.83
N ASP B 55 6.06 13.21 15.57
CA ASP B 55 5.56 13.15 16.92
C ASP B 55 4.12 12.69 16.88
N PRO B 56 3.78 11.50 17.40
CA PRO B 56 2.38 11.11 17.32
C PRO B 56 1.31 12.13 17.86
N VAL B 57 1.61 12.76 18.99
CA VAL B 57 0.70 13.70 19.63
C VAL B 57 0.53 14.91 18.74
N ALA B 58 1.63 15.39 18.16
CA ALA B 58 1.59 16.48 17.26
C ALA B 58 0.89 16.17 15.92
N LEU B 59 1.08 14.98 15.36
CA LEU B 59 0.40 14.56 14.14
C LEU B 59 -1.11 14.52 14.33
N ARG B 60 -1.57 13.94 15.42
CA ARG B 60 -3.00 13.84 15.70
C ARG B 60 -3.60 15.28 15.84
N LYS B 61 -2.92 16.11 16.60
CA LYS B 61 -3.29 17.53 16.77
C LYS B 61 -3.37 18.29 15.45
N ALA B 62 -2.32 18.17 14.64
CA ALA B 62 -2.22 18.88 13.37
C ALA B 62 -3.29 18.43 12.35
N THR B 63 -3.63 17.13 12.38
CA THR B 63 -4.72 16.57 11.57
C THR B 63 -6.07 17.28 11.88
N LEU B 64 -6.42 17.38 13.14
CA LEU B 64 -7.66 18.01 13.55
C LEU B 64 -7.61 19.55 13.41
N ASP B 65 -6.47 20.16 13.76
CA ASP B 65 -6.26 21.59 13.47
C ASP B 65 -6.50 21.97 12.00
N VAL B 66 -5.88 21.26 11.04
CA VAL B 66 -6.03 21.61 9.63
C VAL B 66 -7.48 21.44 9.16
N LEU B 67 -8.14 20.37 9.62
CA LEU B 67 -9.56 20.17 9.31
C LEU B 67 -10.41 21.32 9.86
N ALA B 68 -10.21 21.68 11.13
CA ALA B 68 -10.98 22.79 11.71
C ALA B 68 -10.64 24.16 11.05
N LEU B 69 -9.39 24.37 10.60
CA LEU B 69 -9.03 25.57 9.84
C LEU B 69 -9.76 25.66 8.46
N TYR B 70 -9.75 24.55 7.74
CA TYR B 70 -10.49 24.48 6.48
C TYR B 70 -11.97 24.79 6.63
N LEU B 71 -12.60 24.12 7.58
CA LEU B 71 -14.01 24.38 7.91
C LEU B 71 -14.21 25.85 8.28
N ALA B 72 -13.37 26.39 9.17
CA ALA B 72 -13.41 27.82 9.52
C ALA B 72 -13.32 28.79 8.32
N CYS B 73 -12.46 28.47 7.39
CA CYS B 73 -12.31 29.24 6.17
C CYS B 73 -13.50 29.17 5.21
N GLY B 74 -14.42 28.22 5.40
CA GLY B 74 -15.59 28.09 4.54
C GLY B 74 -15.72 26.80 3.73
N ILE B 75 -14.78 25.87 3.88
CA ILE B 75 -14.89 24.61 3.12
C ILE B 75 -16.06 23.94 3.77
N ASP B 76 -17.05 23.57 2.95
CA ASP B 76 -18.31 23.08 3.47
C ASP B 76 -18.43 21.59 3.19
N PRO B 77 -18.56 20.74 4.24
CA PRO B 77 -18.69 19.28 4.07
C PRO B 77 -19.90 18.74 3.30
N ASN B 78 -20.93 19.55 3.14
CA ASN B 78 -22.11 19.22 2.32
C ASN B 78 -21.93 19.61 0.85
N LYS B 79 -20.92 20.44 0.59
CA LYS B 79 -20.57 20.84 -0.77
C LYS B 79 -19.31 20.15 -1.27
N SER B 80 -18.30 20.05 -0.40
CA SER B 80 -17.08 19.36 -0.73
C SER B 80 -17.03 18.01 -0.02
N THR B 81 -16.07 17.20 -0.40
CA THR B 81 -15.75 15.99 0.33
C THR B 81 -14.45 16.30 1.06
N ILE B 82 -14.48 16.31 2.38
CA ILE B 82 -13.26 16.54 3.20
C ILE B 82 -13.05 15.40 4.18
N PHE B 83 -11.88 14.77 4.12
CA PHE B 83 -11.64 13.55 4.87
C PHE B 83 -10.14 13.32 5.22
N VAL B 84 -9.91 12.37 6.12
CA VAL B 84 -8.56 11.98 6.52
C VAL B 84 -8.14 10.74 5.69
N GLN B 85 -6.99 10.85 5.05
CA GLN B 85 -6.50 9.81 4.13
C GLN B 85 -6.51 8.38 4.76
N SER B 86 -6.06 8.28 6.00
CA SER B 86 -5.96 6.99 6.70
C SER B 86 -7.30 6.37 6.98
N HIS B 87 -8.37 7.16 6.87
CA HIS B 87 -9.72 6.61 7.08
C HIS B 87 -10.33 5.91 5.88
N VAL B 88 -9.60 5.89 4.75
CA VAL B 88 -10.16 5.35 3.49
C VAL B 88 -9.15 4.29 3.01
N PRO B 89 -9.38 3.01 3.40
CA PRO B 89 -8.44 1.93 3.03
C PRO B 89 -8.10 1.85 1.54
N GLU B 90 -8.99 2.31 0.66
CA GLU B 90 -8.80 2.22 -0.79
C GLU B 90 -7.55 2.95 -1.31
N HIS B 91 -7.07 3.95 -0.57
CA HIS B 91 -5.87 4.63 -0.96
C HIS B 91 -4.64 3.68 -1.03
N THR B 92 -4.43 2.92 0.04
CA THR B 92 -3.29 1.96 0.09
C THR B 92 -3.51 0.76 -0.84
N GLN B 93 -4.76 0.34 -1.01
CA GLN B 93 -5.12 -0.77 -1.92
C GLN B 93 -4.76 -0.43 -3.35
N LEU B 94 -5.18 0.75 -3.81
CA LEU B 94 -4.82 1.17 -5.15
C LEU B 94 -3.33 1.37 -5.29
N SER B 95 -2.67 1.98 -4.29
CA SER B 95 -1.25 2.27 -4.40
C SER B 95 -0.43 0.95 -4.58
N TRP B 96 -0.89 -0.18 -4.01
CA TRP B 96 -0.22 -1.47 -4.21
C TRP B 96 -0.31 -1.90 -5.67
N VAL B 97 -1.52 -1.87 -6.22
CA VAL B 97 -1.69 -2.22 -7.60
C VAL B 97 -0.81 -1.31 -8.46
N LEU B 98 -0.82 -0.01 -8.22
CA LEU B 98 -0.04 0.96 -9.03
C LEU B 98 1.48 0.69 -8.90
N ASN B 99 1.92 0.26 -7.72
CA ASN B 99 3.32 -0.16 -7.60
C ASN B 99 3.72 -1.18 -8.63
N CYS B 100 2.85 -2.17 -8.85
CA CYS B 100 3.05 -3.22 -9.83
C CYS B 100 3.08 -2.78 -11.31
N TYR B 101 2.61 -1.55 -11.61
CA TYR B 101 2.68 -0.97 -12.95
C TYR B 101 3.58 0.26 -13.04
N THR B 102 4.48 0.42 -12.06
CA THR B 102 5.32 1.59 -11.92
C THR B 102 6.75 1.06 -11.98
N TYR B 103 7.62 1.61 -12.82
CA TYR B 103 9.00 1.08 -12.93
C TYR B 103 9.85 1.56 -11.79
N PHE B 104 10.70 0.68 -11.29
CA PHE B 104 11.69 1.09 -10.27
C PHE B 104 12.41 2.40 -10.66
N GLY B 105 12.88 2.45 -11.91
CA GLY B 105 13.56 3.61 -12.50
C GLY B 105 12.78 4.90 -12.46
N GLU B 106 11.47 4.82 -12.61
CA GLU B 106 10.62 6.01 -12.49
C GLU B 106 10.69 6.63 -11.11
N MET B 107 10.67 5.79 -10.08
CA MET B 107 10.79 6.30 -8.70
C MET B 107 12.23 6.71 -8.40
N SER B 108 13.20 5.92 -8.87
CA SER B 108 14.63 6.25 -8.72
C SER B 108 14.99 7.62 -9.23
N ARG B 109 14.38 8.06 -10.32
CA ARG B 109 14.78 9.34 -10.91
C ARG B 109 13.96 10.56 -10.48
N MET B 110 13.00 10.38 -9.59
CA MET B 110 12.31 11.54 -9.00
C MET B 110 13.34 12.43 -8.31
N THR B 111 13.25 13.72 -8.58
CA THR B 111 14.15 14.73 -8.07
C THR B 111 14.12 14.80 -6.57
N GLN B 112 12.93 14.69 -6.00
CA GLN B 112 12.76 14.70 -4.56
C GLN B 112 13.51 13.53 -3.88
N PHE B 113 13.54 12.36 -4.53
CA PHE B 113 14.19 11.18 -3.99
C PHE B 113 15.70 11.25 -4.08
N LYS B 114 16.18 11.76 -5.22
CA LYS B 114 17.59 11.98 -5.43
C LYS B 114 18.17 12.98 -4.42
N ASP B 115 17.47 14.10 -4.21
CA ASP B 115 17.89 15.13 -3.24
C ASP B 115 18.00 14.53 -1.85
N LYS B 116 16.97 13.79 -1.44
CA LYS B 116 16.93 13.14 -0.12
C LYS B 116 17.94 11.98 -0.04
N SER B 117 18.14 11.29 -1.14
CA SER B 117 19.13 10.24 -1.18
C SER B 117 20.56 10.78 -1.06
N ALA B 118 20.85 11.96 -1.61
CA ALA B 118 22.16 12.59 -1.41
C ALA B 118 22.38 13.07 0.03
N ARG B 119 21.33 13.64 0.63
CA ARG B 119 21.36 14.08 2.03
C ARG B 119 21.47 12.91 3.04
N TYR B 120 20.58 11.91 2.93
CA TYR B 120 20.44 10.84 3.94
C TYR B 120 21.16 9.55 3.64
N ALA B 121 21.55 9.35 2.38
CA ALA B 121 22.27 8.19 1.89
C ALA B 121 21.58 6.88 2.30
N GLU B 122 22.18 6.10 3.22
CA GLU B 122 21.63 4.80 3.58
CA GLU B 122 21.63 4.81 3.58
C GLU B 122 20.47 4.93 4.58
N ASN B 123 20.23 6.11 5.15
CA ASN B 123 19.17 6.20 6.17
CA ASN B 123 19.17 6.22 6.17
C ASN B 123 17.73 6.33 5.65
N ILE B 124 17.58 6.46 4.35
CA ILE B 124 16.28 6.71 3.74
C ILE B 124 15.35 5.45 3.78
N ASN B 125 14.06 5.71 4.01
CA ASN B 125 13.05 4.64 4.16
C ASN B 125 12.29 4.40 2.83
N VAL B 126 11.57 3.30 2.75
CA VAL B 126 10.92 2.93 1.51
C VAL B 126 9.77 3.92 1.25
N GLY B 127 9.11 4.37 2.31
CA GLY B 127 8.07 5.41 2.21
C GLY B 127 8.43 6.62 1.34
N LEU B 128 9.60 7.23 1.59
CA LEU B 128 10.08 8.32 0.79
C LEU B 128 10.31 7.92 -0.64
N PHE B 129 10.69 6.69 -0.92
CA PHE B 129 10.82 6.24 -2.32
C PHE B 129 9.47 6.09 -3.06
N ASP B 130 8.48 5.60 -2.33
CA ASP B 130 7.22 5.17 -2.89
C ASP B 130 6.12 6.21 -2.81
N TYR B 131 6.36 7.28 -2.05
CA TYR B 131 5.50 8.47 -1.85
C TYR B 131 4.73 8.87 -3.12
N PRO B 132 5.40 8.93 -4.28
CA PRO B 132 4.70 9.36 -5.51
C PRO B 132 3.62 8.41 -6.00
N VAL B 133 3.81 7.11 -5.78
CA VAL B 133 2.79 6.12 -6.11
C VAL B 133 1.55 6.23 -5.22
N LEU B 134 1.71 6.45 -3.91
CA LEU B 134 0.51 6.72 -3.09
C LEU B 134 -0.19 8.01 -3.52
N MET B 135 0.59 9.01 -3.92
CA MET B 135 0.05 10.27 -4.39
C MET B 135 -0.76 10.04 -5.64
N ALA B 136 -0.25 9.24 -6.57
CA ALA B 136 -1.01 8.83 -7.76
C ALA B 136 -2.32 8.12 -7.45
N ALA B 137 -2.26 7.14 -6.57
CA ALA B 137 -3.49 6.50 -6.07
C ALA B 137 -4.47 7.49 -5.46
N ASP B 138 -3.97 8.43 -4.64
CA ASP B 138 -4.79 9.48 -3.99
C ASP B 138 -5.67 10.17 -5.05
N ILE B 139 -5.02 10.59 -6.12
CA ILE B 139 -5.64 11.34 -7.20
C ILE B 139 -6.56 10.46 -8.06
N LEU B 140 -6.05 9.33 -8.51
CA LEU B 140 -6.71 8.48 -9.51
C LEU B 140 -7.92 7.75 -9.01
N LEU B 141 -7.96 7.54 -7.70
CA LEU B 141 -9.08 6.88 -7.05
C LEU B 141 -10.44 7.62 -7.24
N TYR B 142 -10.38 8.94 -7.37
CA TYR B 142 -11.56 9.84 -7.36
C TYR B 142 -11.94 10.37 -8.75
N GLN B 143 -11.21 9.90 -9.77
CA GLN B 143 -11.41 10.30 -11.15
C GLN B 143 -11.19 11.81 -11.29
N ALA B 144 -10.22 12.33 -10.56
CA ALA B 144 -9.99 13.76 -10.57
C ALA B 144 -9.49 14.25 -11.93
N LYS B 145 -10.09 15.36 -12.39
CA LYS B 145 -9.68 15.97 -13.64
C LYS B 145 -8.51 16.90 -13.40
N SER B 146 -8.53 17.62 -12.28
CA SER B 146 -7.55 18.66 -11.98
C SER B 146 -6.98 18.52 -10.59
N VAL B 147 -5.72 18.92 -10.43
CA VAL B 147 -4.99 18.87 -9.18
C VAL B 147 -4.09 20.10 -9.04
N PRO B 148 -4.26 20.87 -7.98
CA PRO B 148 -3.24 21.91 -7.77
C PRO B 148 -2.04 21.26 -7.17
N VAL B 149 -0.88 21.58 -7.71
CA VAL B 149 0.37 21.09 -7.19
C VAL B 149 1.35 22.25 -7.20
N GLY B 150 2.31 22.22 -6.27
CA GLY B 150 3.42 23.17 -6.28
C GLY B 150 4.32 22.89 -7.47
N ASP B 151 5.31 23.77 -7.65
CA ASP B 151 6.32 23.55 -8.69
C ASP B 151 7.06 22.26 -8.39
N ASP B 152 7.52 22.16 -7.14
CA ASP B 152 8.19 20.95 -6.63
C ASP B 152 7.38 19.63 -6.68
N GLN B 153 6.09 19.69 -7.02
CA GLN B 153 5.23 18.50 -7.13
C GLN B 153 4.81 18.21 -8.57
N LYS B 154 5.31 18.99 -9.54
CA LYS B 154 4.95 18.85 -10.95
CA LYS B 154 4.89 18.83 -10.93
C LYS B 154 5.38 17.48 -11.49
N GLN B 155 6.51 17.01 -11.02
CA GLN B 155 7.02 15.74 -11.48
C GLN B 155 6.15 14.58 -10.98
N HIS B 156 5.56 14.73 -9.79
CA HIS B 156 4.67 13.73 -9.23
C HIS B 156 3.35 13.63 -10.04
N LEU B 157 2.86 14.77 -10.50
CA LEU B 157 1.70 14.77 -11.41
C LEU B 157 2.04 14.13 -12.77
N GLU B 158 3.22 14.39 -13.33
CA GLU B 158 3.63 13.76 -14.58
C GLU B 158 3.65 12.25 -14.45
N ILE B 159 4.18 11.72 -13.35
CA ILE B 159 4.29 10.26 -13.22
C ILE B 159 2.90 9.64 -12.96
N THR B 160 2.04 10.35 -12.24
CA THR B 160 0.65 9.94 -12.08
C THR B 160 0.00 9.71 -13.47
N ARG B 161 0.23 10.66 -14.37
CA ARG B 161 -0.34 10.62 -15.72
C ARG B 161 0.24 9.47 -16.51
N ASP B 162 1.55 9.23 -16.38
CA ASP B 162 2.21 8.11 -17.08
C ASP B 162 1.66 6.78 -16.63
N ILE B 163 1.56 6.62 -15.31
CA ILE B 163 1.02 5.41 -14.72
C ILE B 163 -0.41 5.16 -15.20
N ALA B 164 -1.26 6.21 -15.12
CA ALA B 164 -2.65 6.06 -15.50
C ALA B 164 -2.78 5.72 -17.01
N ASN B 165 -1.97 6.37 -17.86
CA ASN B 165 -2.00 6.11 -19.31
C ASN B 165 -1.58 4.69 -19.61
N ARG B 166 -0.51 4.24 -18.94
CA ARG B 166 -0.03 2.90 -19.05
C ARG B 166 -1.11 1.91 -18.66
N PHE B 167 -1.76 2.14 -17.51
CA PHE B 167 -2.77 1.17 -17.04
C PHE B 167 -3.97 1.11 -18.01
N ASN B 168 -4.43 2.28 -18.44
CA ASN B 168 -5.50 2.40 -19.44
C ASN B 168 -5.19 1.66 -20.76
N ALA B 169 -3.94 1.78 -21.22
CA ALA B 169 -3.49 1.14 -22.43
C ALA B 169 -3.65 -0.37 -22.37
N LEU B 170 -3.39 -0.95 -21.20
CA LEU B 170 -3.53 -2.39 -20.98
C LEU B 170 -4.96 -2.79 -20.77
N TYR B 171 -5.73 -2.01 -19.99
CA TYR B 171 -7.00 -2.52 -19.48
C TYR B 171 -8.23 -1.78 -19.87
N GLY B 172 -8.11 -0.69 -20.63
CA GLY B 172 -9.29 0.08 -21.08
C GLY B 172 -9.37 1.33 -20.26
N ASN B 173 -10.31 2.21 -20.56
CA ASN B 173 -10.26 3.54 -19.96
C ASN B 173 -10.84 3.57 -18.54
N ILE B 174 -10.01 3.13 -17.61
CA ILE B 174 -10.36 3.03 -16.23
C ILE B 174 -10.12 4.36 -15.45
N PHE B 175 -9.00 5.02 -15.71
CA PHE B 175 -8.65 6.25 -15.00
C PHE B 175 -8.91 7.46 -15.88
N THR B 176 -9.38 8.53 -15.26
CA THR B 176 -9.26 9.86 -15.79
C THR B 176 -7.80 10.29 -15.69
N ILE B 177 -7.35 11.02 -16.71
CA ILE B 177 -5.99 11.48 -16.78
C ILE B 177 -5.95 12.89 -16.20
N PRO B 178 -5.34 13.06 -15.00
CA PRO B 178 -5.39 14.32 -14.30
C PRO B 178 -4.47 15.39 -14.95
N GLU B 179 -4.84 16.65 -14.80
CA GLU B 179 -4.08 17.80 -15.32
C GLU B 179 -3.88 18.76 -14.18
N ILE B 180 -2.95 19.69 -14.37
CA ILE B 180 -2.65 20.67 -13.35
C ILE B 180 -3.81 21.64 -13.25
N PHE B 181 -4.14 22.03 -12.03
CA PHE B 181 -5.23 22.95 -11.84
C PHE B 181 -4.85 24.30 -12.42
N ILE B 182 -5.80 24.93 -13.13
CA ILE B 182 -5.60 26.27 -13.74
C ILE B 182 -6.38 27.38 -12.99
N GLY B 183 -5.82 28.59 -12.94
CA GLY B 183 -6.59 29.80 -12.55
C GLY B 183 -6.86 30.02 -11.07
N GLY B 186 -5.20 33.43 -5.96
CA GLY B 186 -5.37 34.57 -5.06
C GLY B 186 -4.11 35.40 -5.13
N ALA B 187 -3.91 36.31 -4.19
CA ALA B 187 -2.71 37.15 -4.21
C ALA B 187 -1.49 36.35 -3.73
N ARG B 188 -0.31 36.74 -4.21
CA ARG B 188 0.94 36.19 -3.72
C ARG B 188 1.42 37.06 -2.55
N ILE B 189 1.17 36.57 -1.34
CA ILE B 189 1.44 37.34 -0.13
C ILE B 189 2.87 37.09 0.32
N MET B 190 3.64 38.17 0.43
CA MET B 190 5.06 38.10 0.80
C MET B 190 5.34 38.34 2.29
N SER B 191 6.56 37.97 2.68
CA SER B 191 7.03 38.08 4.04
C SER B 191 7.20 39.55 4.46
N LEU B 192 6.77 39.83 5.67
CA LEU B 192 6.66 41.20 6.19
C LEU B 192 8.02 41.87 6.41
N GLN B 193 9.03 41.09 6.78
CA GLN B 193 10.39 41.58 6.97
C GLN B 193 11.38 41.18 5.86
N ASP B 194 10.93 40.46 4.84
CA ASP B 194 11.73 40.17 3.66
CA ASP B 194 11.73 40.16 3.66
C ASP B 194 10.75 40.02 2.50
N PRO B 195 10.22 41.14 1.97
CA PRO B 195 9.11 41.04 1.02
C PRO B 195 9.47 40.58 -0.38
N GLU B 196 10.75 40.30 -0.65
CA GLU B 196 11.10 39.50 -1.82
C GLU B 196 10.82 38.01 -1.62
N LYS B 197 10.64 37.57 -0.37
CA LYS B 197 10.33 36.16 -0.07
C LYS B 197 8.82 35.94 0.15
N LYS B 198 8.28 34.87 -0.44
CA LYS B 198 6.91 34.46 -0.18
C LYS B 198 6.67 34.15 1.31
N MET B 199 5.50 34.50 1.84
CA MET B 199 5.22 34.23 3.27
C MET B 199 5.02 32.71 3.46
N SER B 200 5.95 32.10 4.21
CA SER B 200 6.03 30.65 4.46
C SER B 200 5.64 30.33 5.90
N LYS B 201 4.60 29.51 6.06
CA LYS B 201 4.16 29.02 7.37
C LYS B 201 5.24 28.43 8.27
N SER B 202 6.35 27.98 7.69
CA SER B 202 7.48 27.39 8.42
C SER B 202 8.74 28.28 8.36
N ASP B 203 8.53 29.56 8.63
CA ASP B 203 9.62 30.51 8.74
C ASP B 203 10.02 30.58 10.21
N ASP B 204 11.32 30.61 10.44
CA ASP B 204 11.87 30.79 11.80
C ASP B 204 11.81 32.25 12.31
N ASN B 205 11.63 33.22 11.40
CA ASN B 205 11.34 34.61 11.79
C ASN B 205 9.81 34.72 11.82
N ARG B 206 9.24 34.68 13.02
CA ARG B 206 7.79 34.77 13.21
C ARG B 206 7.24 36.16 12.85
N ASN B 207 8.11 37.18 12.78
CA ASN B 207 7.74 38.51 12.30
C ASN B 207 7.50 38.57 10.80
N ASN B 208 7.93 37.53 10.08
CA ASN B 208 7.66 37.41 8.65
C ASN B 208 6.22 37.05 8.32
N VAL B 209 5.51 36.48 9.29
CA VAL B 209 4.26 35.75 9.03
C VAL B 209 3.14 36.27 9.89
N VAL B 210 1.92 36.24 9.39
CA VAL B 210 0.73 36.36 10.21
C VAL B 210 -0.03 35.04 10.08
N THR B 211 -0.08 34.26 11.18
CA THR B 211 -0.91 33.04 11.18
C THR B 211 -2.35 33.37 11.41
N LEU B 212 -3.20 32.41 11.10
CA LEU B 212 -4.63 32.60 11.09
C LEU B 212 -5.19 32.63 12.49
N LEU B 213 -4.48 32.00 13.41
CA LEU B 213 -4.87 31.95 14.81
C LEU B 213 -4.13 32.98 15.65
N GLU B 214 -3.80 34.14 15.07
CA GLU B 214 -3.05 35.16 15.79
C GLU B 214 -3.91 36.24 16.37
N ASP B 215 -3.51 36.58 17.59
CA ASP B 215 -4.14 37.62 18.33
C ASP B 215 -4.08 38.94 17.55
N PRO B 216 -5.15 39.79 17.58
CA PRO B 216 -5.17 41.08 16.86
C PRO B 216 -4.23 42.19 17.36
N LYS B 217 -3.66 42.02 18.56
CA LYS B 217 -2.62 42.90 19.04
C LYS B 217 -1.27 42.42 18.50
N SER B 218 -1.09 41.11 18.41
CA SER B 218 0.09 40.53 17.76
C SER B 218 0.12 40.90 16.26
N VAL B 219 -1.08 40.94 15.67
CA VAL B 219 -1.24 41.34 14.27
C VAL B 219 -0.80 42.78 14.07
N ALA B 220 -1.37 43.71 14.83
CA ALA B 220 -0.95 45.11 14.70
C ALA B 220 0.56 45.26 14.84
N LYS B 221 1.18 44.54 15.80
CA LYS B 221 2.63 44.61 16.03
C LYS B 221 3.40 44.27 14.77
N LYS B 222 3.07 43.14 14.16
CA LYS B 222 3.82 42.70 12.98
C LYS B 222 3.63 43.57 11.77
N ILE B 223 2.39 44.01 11.53
CA ILE B 223 2.14 44.98 10.47
C ILE B 223 2.86 46.31 10.71
N LYS B 224 2.85 46.85 11.93
CA LYS B 224 3.56 48.13 12.18
CA LYS B 224 3.56 48.11 12.21
C LYS B 224 5.05 47.99 11.84
N ARG B 225 5.61 46.81 12.09
CA ARG B 225 7.02 46.57 11.88
C ARG B 225 7.39 46.13 10.50
N ALA B 226 6.41 45.96 9.60
CA ALA B 226 6.68 45.49 8.26
C ALA B 226 7.60 46.46 7.56
N VAL B 227 8.54 45.94 6.76
CA VAL B 227 9.48 46.81 6.07
CA VAL B 227 9.49 46.79 6.05
C VAL B 227 8.76 47.54 4.95
N THR B 228 9.18 48.78 4.72
CA THR B 228 8.65 49.58 3.66
C THR B 228 9.83 50.00 2.78
N ASP B 229 10.02 51.28 2.53
CA ASP B 229 11.12 51.78 1.72
C ASP B 229 11.39 53.15 2.29
N SER B 230 12.45 53.76 1.81
CA SER B 230 12.86 55.08 2.24
C SER B 230 12.64 56.11 1.16
N ASP B 231 11.66 55.92 0.27
CA ASP B 231 11.40 56.89 -0.78
C ASP B 231 11.16 58.24 -0.16
N GLU B 232 11.68 59.27 -0.80
CA GLU B 232 11.40 60.67 -0.44
C GLU B 232 10.89 61.36 -1.71
N PRO B 233 9.62 61.80 -1.72
CA PRO B 233 8.62 61.64 -0.68
C PRO B 233 8.13 60.19 -0.68
N PRO B 234 7.73 59.67 0.51
CA PRO B 234 7.09 58.35 0.57
C PRO B 234 5.69 58.41 -0.01
N VAL B 235 5.33 57.42 -0.81
CA VAL B 235 4.06 57.39 -1.49
C VAL B 235 3.51 55.96 -1.52
N VAL B 236 2.22 55.85 -1.24
CA VAL B 236 1.48 54.61 -1.35
C VAL B 236 1.17 54.36 -2.83
N ARG B 237 2.03 53.57 -3.49
CA ARG B 237 1.96 53.26 -4.91
C ARG B 237 2.40 51.79 -5.13
N TYR B 238 1.75 51.11 -6.06
CA TYR B 238 2.01 49.71 -6.30
C TYR B 238 3.17 49.58 -7.25
N ASP B 239 4.23 48.91 -6.80
CA ASP B 239 5.46 48.70 -7.57
C ASP B 239 6.27 47.59 -6.92
N VAL B 240 6.08 46.35 -7.39
CA VAL B 240 6.67 45.19 -6.71
C VAL B 240 8.20 45.23 -6.76
N GLN B 241 8.75 45.76 -7.82
CA GLN B 241 10.20 45.79 -7.97
C GLN B 241 10.82 46.78 -7.03
N ASN B 242 10.31 48.00 -7.03
CA ASN B 242 10.95 49.10 -6.31
C ASN B 242 10.35 49.36 -4.93
N LYS B 243 9.14 48.86 -4.67
CA LYS B 243 8.45 49.11 -3.40
C LYS B 243 7.80 47.85 -2.89
N ALA B 244 8.60 46.77 -2.81
CA ALA B 244 8.10 45.45 -2.42
C ALA B 244 7.29 45.50 -1.17
N GLY B 245 7.81 46.15 -0.13
CA GLY B 245 7.10 46.12 1.15
C GLY B 245 5.73 46.82 1.15
N VAL B 246 5.70 48.03 0.59
CA VAL B 246 4.44 48.80 0.43
C VAL B 246 3.50 48.10 -0.56
N SER B 247 4.05 47.57 -1.66
CA SER B 247 3.24 46.80 -2.62
C SER B 247 2.58 45.56 -1.97
N ASN B 248 3.28 44.92 -1.05
CA ASN B 248 2.77 43.76 -0.35
C ASN B 248 1.65 44.09 0.63
N LEU B 249 1.82 45.18 1.37
CA LEU B 249 0.75 45.67 2.22
C LEU B 249 -0.49 46.02 1.37
N LEU B 250 -0.28 46.68 0.25
CA LEU B 250 -1.39 46.92 -0.67
C LEU B 250 -2.02 45.60 -1.17
N ASP B 251 -1.22 44.55 -1.43
CA ASP B 251 -1.80 43.25 -1.85
C ASP B 251 -2.62 42.60 -0.76
N ILE B 252 -2.08 42.62 0.46
CA ILE B 252 -2.85 42.14 1.60
C ILE B 252 -4.19 42.85 1.74
N LEU B 253 -4.16 44.18 1.73
CA LEU B 253 -5.36 45.00 1.91
C LEU B 253 -6.37 44.76 0.81
N SER B 254 -5.87 44.70 -0.44
CA SER B 254 -6.72 44.41 -1.61
C SER B 254 -7.38 43.03 -1.52
N ALA B 255 -6.64 42.00 -1.14
CA ALA B 255 -7.20 40.66 -1.07
C ALA B 255 -8.20 40.51 0.04
N VAL B 256 -7.92 41.12 1.19
CA VAL B 256 -8.79 41.04 2.33
C VAL B 256 -10.10 41.78 2.05
N THR B 257 -10.04 43.00 1.48
CA THR B 257 -11.23 43.83 1.27
C THR B 257 -11.93 43.62 -0.08
N ASP B 258 -11.27 42.99 -1.03
CA ASP B 258 -11.70 42.94 -2.41
C ASP B 258 -11.73 44.28 -3.11
N LYS B 259 -10.92 45.23 -2.67
CA LYS B 259 -10.76 46.50 -3.35
C LYS B 259 -9.57 46.42 -4.33
N PRO B 260 -9.81 46.73 -5.62
CA PRO B 260 -8.71 46.78 -6.60
C PRO B 260 -7.60 47.71 -6.12
N ILE B 261 -6.38 47.41 -6.54
CA ILE B 261 -5.20 48.14 -6.13
C ILE B 261 -5.28 49.63 -6.54
N ALA B 262 -5.79 49.92 -7.74
CA ALA B 262 -5.91 51.31 -8.20
C ALA B 262 -6.87 52.11 -7.29
N ASP B 263 -7.93 51.49 -6.77
CA ASP B 263 -8.86 52.19 -5.90
C ASP B 263 -8.18 52.48 -4.55
N LEU B 264 -7.32 51.57 -4.10
CA LEU B 264 -6.56 51.78 -2.84
C LEU B 264 -5.54 52.90 -2.99
N GLU B 265 -4.82 52.89 -4.09
CA GLU B 265 -3.90 53.95 -4.41
C GLU B 265 -4.60 55.30 -4.31
N LYS B 266 -5.80 55.37 -4.88
CA LYS B 266 -6.59 56.58 -4.78
C LYS B 266 -6.97 56.88 -3.34
N GLU B 267 -7.43 55.88 -2.59
CA GLU B 267 -7.83 56.11 -1.22
C GLU B 267 -6.65 56.62 -0.37
N PHE B 268 -5.43 56.18 -0.66
CA PHE B 268 -4.23 56.55 0.14
C PHE B 268 -3.44 57.72 -0.47
N GLU B 269 -4.06 58.44 -1.42
CA GLU B 269 -3.42 59.57 -2.11
C GLU B 269 -2.96 60.58 -1.03
N GLY B 270 -1.69 61.00 -1.05
CA GLY B 270 -1.21 61.97 -0.03
C GLY B 270 -1.05 61.48 1.41
N LYS B 271 -1.34 60.21 1.67
CA LYS B 271 -1.33 59.64 2.98
C LYS B 271 0.02 58.98 3.20
N MET B 272 0.24 58.45 4.40
CA MET B 272 1.54 57.94 4.77
C MET B 272 1.48 56.42 4.91
N TYR B 273 2.64 55.82 4.96
CA TYR B 273 2.77 54.36 5.23
C TYR B 273 2.08 53.92 6.53
N GLY B 274 2.15 54.74 7.58
CA GLY B 274 1.44 54.50 8.81
C GLY B 274 -0.08 54.33 8.69
N HIS B 275 -0.71 55.20 7.87
CA HIS B 275 -2.11 55.01 7.52
C HIS B 275 -2.36 53.69 6.79
N LEU B 276 -1.53 53.37 5.83
CA LEU B 276 -1.69 52.07 5.13
C LEU B 276 -1.57 50.92 6.16
N LYS B 277 -0.52 50.96 7.00
CA LYS B 277 -0.31 49.91 8.00
C LYS B 277 -1.46 49.79 9.01
N THR B 278 -2.05 50.93 9.38
CA THR B 278 -3.22 50.92 10.24
C THR B 278 -4.40 50.20 9.58
N ALA B 279 -4.70 50.58 8.35
CA ALA B 279 -5.78 49.92 7.59
C ALA B 279 -5.52 48.42 7.44
N VAL B 280 -4.29 48.03 7.07
CA VAL B 280 -3.98 46.59 6.89
C VAL B 280 -4.20 45.83 8.23
N ALA B 281 -3.68 46.37 9.33
CA ALA B 281 -3.87 45.75 10.64
C ALA B 281 -5.35 45.61 11.04
N ASP B 282 -6.12 46.70 10.84
CA ASP B 282 -7.54 46.68 11.19
C ASP B 282 -8.34 45.64 10.37
N GLU B 283 -8.12 45.65 9.06
CA GLU B 283 -8.82 44.70 8.15
C GLU B 283 -8.43 43.26 8.37
N VAL B 284 -7.13 43.01 8.56
CA VAL B 284 -6.67 41.65 8.83
C VAL B 284 -7.20 41.13 10.19
N SER B 285 -7.16 41.97 11.23
CA SER B 285 -7.68 41.54 12.55
C SER B 285 -9.19 41.32 12.53
N THR B 286 -9.93 42.09 11.76
CA THR B 286 -11.35 41.78 11.59
C THR B 286 -11.54 40.38 10.97
N LEU B 287 -10.91 40.12 9.83
CA LEU B 287 -10.93 38.77 9.21
C LEU B 287 -10.58 37.63 10.18
N LEU B 288 -9.42 37.72 10.82
CA LEU B 288 -8.94 36.66 11.71
C LEU B 288 -9.86 36.38 12.91
N ALA B 289 -10.48 37.43 13.47
CA ALA B 289 -11.51 37.32 14.54
C ALA B 289 -12.65 36.42 14.14
N SER B 290 -13.13 36.65 12.94
CA SER B 290 -14.21 35.90 12.38
C SER B 290 -13.80 34.42 12.06
N LEU B 291 -12.58 34.23 11.57
CA LEU B 291 -12.03 32.89 11.30
C LEU B 291 -11.75 32.15 12.62
N GLN B 292 -11.11 32.85 13.55
CA GLN B 292 -10.78 32.28 14.85
C GLN B 292 -12.05 31.77 15.59
N GLU B 293 -13.13 32.52 15.48
CA GLU B 293 -14.34 32.16 16.21
C GLU B 293 -14.93 30.88 15.65
N ARG B 294 -15.00 30.83 14.34
CA ARG B 294 -15.41 29.64 13.65
C ARG B 294 -14.45 28.51 13.98
N PHE B 295 -13.14 28.77 13.93
CA PHE B 295 -12.16 27.71 14.24
C PHE B 295 -12.44 27.09 15.60
N HIS B 296 -12.52 27.94 16.62
CA HIS B 296 -12.78 27.46 17.98
C HIS B 296 -14.12 26.73 18.13
N GLN B 297 -15.15 27.19 17.42
CA GLN B 297 -16.44 26.49 17.44
C GLN B 297 -16.32 25.03 16.95
N TYR B 298 -15.61 24.80 15.84
CA TYR B 298 -15.51 23.44 15.30
C TYR B 298 -14.47 22.62 16.05
N ARG B 299 -13.32 23.22 16.30
CA ARG B 299 -12.17 22.54 16.89
C ARG B 299 -12.43 22.01 18.28
N ASN B 300 -13.22 22.75 19.07
CA ASN B 300 -13.58 22.28 20.42
C ASN B 300 -14.75 21.29 20.44
N ASP B 301 -15.36 21.00 19.30
CA ASP B 301 -16.59 20.24 19.26
C ASP B 301 -16.20 18.90 18.65
N GLU B 302 -15.79 17.97 19.53
CA GLU B 302 -15.28 16.65 19.12
C GLU B 302 -16.32 15.81 18.38
N THR B 303 -17.52 15.81 18.89
CA THR B 303 -18.61 15.12 18.27
C THR B 303 -18.80 15.57 16.82
N LEU B 304 -18.85 16.89 16.63
CA LEU B 304 -19.03 17.46 15.30
C LEU B 304 -17.88 17.03 14.39
N LEU B 305 -16.63 17.22 14.81
CA LEU B 305 -15.47 16.78 14.04
C LEU B 305 -15.52 15.29 13.70
N ASP B 306 -15.86 14.43 14.66
CA ASP B 306 -16.07 12.98 14.36
C ASP B 306 -17.15 12.73 13.29
N ASN B 307 -18.27 13.45 13.37
CA ASN B 307 -19.35 13.29 12.40
C ASN B 307 -18.94 13.78 11.03
N ILE B 308 -18.21 14.91 10.99
CA ILE B 308 -17.74 15.44 9.70
C ILE B 308 -16.71 14.53 9.03
N LEU B 309 -15.80 13.98 9.84
CA LEU B 309 -14.82 13.03 9.29
C LEU B 309 -15.46 11.75 8.84
N ARG B 310 -16.43 11.25 9.59
CA ARG B 310 -17.18 10.05 9.20
C ARG B 310 -17.94 10.27 7.90
N GLN B 311 -18.72 11.37 7.82
CA GLN B 311 -19.43 11.78 6.56
C GLN B 311 -18.47 11.83 5.36
N GLY B 312 -17.33 12.49 5.59
CA GLY B 312 -16.29 12.66 4.61
C GLY B 312 -15.74 11.34 4.11
N ALA B 313 -15.48 10.43 5.06
CA ALA B 313 -14.91 9.15 4.72
C ALA B 313 -15.96 8.26 4.05
N GLU B 314 -17.22 8.33 4.45
CA GLU B 314 -18.28 7.54 3.79
C GLU B 314 -18.46 7.95 2.30
N LYS B 315 -18.40 9.27 2.01
CA LYS B 315 -18.44 9.78 0.65
C LYS B 315 -17.19 9.35 -0.15
N ALA B 316 -16.02 9.56 0.43
CA ALA B 316 -14.77 9.21 -0.25
C ALA B 316 -14.72 7.71 -0.58
N ARG B 317 -15.04 6.85 0.40
CA ARG B 317 -15.13 5.39 0.18
C ARG B 317 -16.11 4.99 -0.93
N ALA B 318 -17.27 5.64 -0.99
CA ALA B 318 -18.26 5.35 -2.06
C ALA B 318 -17.69 5.67 -3.43
N LYS B 319 -17.03 6.81 -3.58
CA LYS B 319 -16.39 7.19 -4.84
C LYS B 319 -15.24 6.21 -5.15
N ALA B 320 -14.35 6.08 -4.19
CA ALA B 320 -13.15 5.26 -4.35
C ALA B 320 -13.46 3.85 -4.82
N GLN B 321 -14.44 3.22 -4.18
CA GLN B 321 -14.87 1.86 -4.54
C GLN B 321 -15.28 1.66 -6.02
N GLU B 322 -15.91 2.68 -6.63
CA GLU B 322 -16.28 2.60 -8.05
C GLU B 322 -15.04 2.34 -8.91
N THR B 323 -14.01 3.12 -8.68
CA THR B 323 -12.75 2.96 -9.41
C THR B 323 -11.97 1.69 -9.00
N LEU B 324 -11.92 1.41 -7.71
CA LEU B 324 -11.11 0.33 -7.20
C LEU B 324 -11.65 -1.03 -7.62
N ALA B 325 -12.98 -1.18 -7.63
CA ALA B 325 -13.63 -2.41 -8.11
C ALA B 325 -13.27 -2.73 -9.57
N LYS B 326 -13.20 -1.68 -10.40
CA LYS B 326 -12.81 -1.82 -11.81
C LYS B 326 -11.32 -2.14 -11.94
N VAL B 327 -10.48 -1.50 -11.13
CA VAL B 327 -9.06 -1.88 -11.11
C VAL B 327 -8.85 -3.36 -10.74
N TYR B 328 -9.45 -3.82 -9.65
CA TYR B 328 -9.29 -5.19 -9.16
C TYR B 328 -9.81 -6.21 -10.14
N GLU B 329 -10.88 -5.87 -10.85
CA GLU B 329 -11.41 -6.74 -11.88
C GLU B 329 -10.46 -6.82 -13.07
N ALA B 330 -9.94 -5.68 -13.50
CA ALA B 330 -9.10 -5.62 -14.69
C ALA B 330 -7.86 -6.49 -14.51
N VAL B 331 -7.20 -6.38 -13.36
CA VAL B 331 -5.96 -7.15 -13.16
C VAL B 331 -6.14 -8.64 -12.89
N GLY B 332 -7.34 -9.05 -12.54
CA GLY B 332 -7.69 -10.45 -12.49
C GLY B 332 -7.99 -11.01 -11.14
N PHE B 333 -8.36 -10.16 -10.18
CA PHE B 333 -8.71 -10.65 -8.86
C PHE B 333 -10.11 -11.20 -8.77
N VAL B 334 -10.27 -12.20 -7.92
CA VAL B 334 -11.61 -12.63 -7.50
C VAL B 334 -12.24 -11.54 -6.67
N ALA B 335 -13.45 -11.12 -7.08
CA ALA B 335 -14.19 -10.04 -6.38
C ALA B 335 -14.70 -10.56 -5.04
N ALA B 336 -14.49 -9.84 -3.95
CA ALA B 336 -15.17 -10.18 -2.67
C ALA B 336 -16.68 -10.09 -2.85
N LYS B 337 -17.41 -11.02 -2.23
CA LYS B 337 -18.86 -11.23 -2.49
C LYS B 337 -19.70 -11.18 -1.19
N TRP C . 6.46 -15.06 -0.83
CA TRP C . 5.75 -16.35 -0.65
C TRP C . 6.13 -17.27 -1.81
O TRP C . 5.60 -18.33 -1.99
CB TRP C . 4.23 -16.13 -0.59
CG TRP C . 3.85 -15.29 0.61
CD1 TRP C . 3.37 -14.02 0.61
CD2 TRP C . 3.98 -15.68 1.98
NE1 TRP C . 3.15 -13.59 1.90
CE2 TRP C . 3.53 -14.58 2.77
CE3 TRP C . 4.42 -16.84 2.61
CZ2 TRP C . 3.52 -14.63 4.15
CZ3 TRP C . 4.41 -16.88 4.01
CH2 TRP C . 3.96 -15.77 4.76
OXT TRP C . 7.04 -16.97 -2.57
N TRP D . 2.64 15.73 -1.87
CA TRP D . 1.69 16.83 -1.45
C TRP D . 2.36 18.00 -0.73
O TRP D . 3.49 17.89 -0.27
CB TRP D . 0.55 16.22 -0.61
CG TRP D . -0.31 15.32 -1.42
CD1 TRP D . -0.50 13.97 -1.27
CD2 TRP D . -1.06 15.70 -2.58
NE1 TRP D . -1.39 13.50 -2.23
CE2 TRP D . -1.72 14.55 -3.06
CE3 TRP D . -1.27 16.92 -3.24
CZ2 TRP D . -2.54 14.58 -4.18
CZ3 TRP D . -2.08 16.94 -4.35
CH2 TRP D . -2.71 15.79 -4.80
OXT TRP D . 1.81 19.08 -0.61
#